data_6FV2
#
_entry.id   6FV2
#
_cell.length_a   131.115
_cell.length_b   211.044
_cell.length_c   115.630
_cell.angle_alpha   90.00
_cell.angle_beta   90.00
_cell.angle_gamma   90.00
#
_symmetry.space_group_name_H-M   'C 2 2 21'
#
loop_
_entity.id
_entity.type
_entity.pdbx_description
1 polymer '3C-like proteinase'
2 non-polymer GLYCEROL
3 non-polymer (S)-N-benzyl-3-((S)-2-cinnamamido-3-phenylpropanamido)-2-oxo-4-((S)-2-oxopyrrolidin-3-yl)butanamide
4 water water
#
_entity_poly.entity_id   1
_entity_poly.type   'polypeptide(L)'
_entity_poly.pdbx_seq_one_letter_code
;SGLKKMAQPSGCVERCVVRVCYGSTVLNGVWLGDTVTCPRHVIAPSTTVLIDYDHAYSTMRLHNFSVSHNGVFLGVVGVT
MHGSVLRIKVSQSNVHTPKHVFKTLKPGDSFNILACYEGIASGVFGVNLRTNFTIKGSFINGACGSPGYNVRNDGTVEFC
YLHQIELGSGAHVGSDFTGSVYGNFDDQPSLQVESANLMLSDNVVAFLYAALLNGCRWWLCSTRVNVDGFNEWAMANGYT
SVSSVECYSILAAKTGVSVEQLLASIQHLHEGFGGKNILGYSSLCDEFTLAEVVKQMYGVNHHHHH
;
_entity_poly.pdbx_strand_id   A,B,C
#
# COMPACT_ATOMS: atom_id res chain seq x y z
N SER A 1 16.95 -29.55 8.98
CA SER A 1 18.22 -29.17 9.68
C SER A 1 19.39 -28.73 8.72
N GLY A 2 20.54 -28.38 9.31
CA GLY A 2 21.72 -27.95 8.56
C GLY A 2 22.02 -26.46 8.75
N LEU A 3 23.24 -26.08 8.38
CA LEU A 3 23.70 -24.68 8.39
C LEU A 3 24.60 -24.43 7.20
N LYS A 4 24.12 -23.72 6.21
CA LYS A 4 24.96 -23.46 5.08
C LYS A 4 25.06 -21.99 5.05
N LYS A 5 26.22 -21.46 4.68
CA LYS A 5 26.38 -20.02 4.43
C LYS A 5 25.79 -19.71 3.05
N MET A 6 24.58 -19.19 3.04
CA MET A 6 23.90 -18.95 1.79
C MET A 6 23.74 -17.46 1.46
N ALA A 7 23.43 -17.22 0.19
CA ALA A 7 23.27 -15.91 -0.34
C ALA A 7 21.78 -15.76 -0.53
N GLN A 8 21.27 -14.54 -0.35
CA GLN A 8 19.90 -14.29 -0.73
C GLN A 8 19.79 -14.33 -2.27
N PRO A 9 18.66 -14.78 -2.79
CA PRO A 9 18.56 -14.85 -4.22
C PRO A 9 18.96 -13.55 -4.91
N SER A 10 19.60 -13.69 -6.06
CA SER A 10 20.29 -12.60 -6.71
C SER A 10 19.50 -11.97 -7.82
N GLY A 11 18.33 -12.51 -8.12
CA GLY A 11 17.58 -12.11 -9.31
C GLY A 11 17.28 -10.63 -9.46
N CYS A 12 16.79 -10.02 -8.39
CA CYS A 12 16.40 -8.60 -8.42
C CYS A 12 17.58 -7.70 -8.69
N VAL A 13 18.76 -8.13 -8.24
CA VAL A 13 20.01 -7.40 -8.43
C VAL A 13 20.66 -7.71 -9.80
N GLU A 14 20.53 -8.93 -10.28
CA GLU A 14 21.11 -9.30 -11.58
C GLU A 14 20.75 -8.34 -12.64
N ARG A 15 19.49 -7.95 -12.68
CA ARG A 15 18.96 -7.07 -13.72
C ARG A 15 19.34 -5.59 -13.53
N CYS A 16 20.03 -5.23 -12.45
CA CYS A 16 20.58 -3.89 -12.24
C CYS A 16 22.03 -3.76 -12.60
N VAL A 17 22.68 -4.81 -13.09
CA VAL A 17 24.14 -4.74 -13.36
C VAL A 17 24.37 -4.37 -14.81
N VAL A 18 25.42 -3.58 -15.07
CA VAL A 18 25.76 -3.15 -16.43
C VAL A 18 27.28 -3.02 -16.70
N ARG A 19 27.73 -3.18 -17.94
CA ARG A 19 29.14 -3.03 -18.27
C ARG A 19 29.37 -1.56 -18.41
N VAL A 20 30.37 -1.03 -17.70
CA VAL A 20 30.81 0.39 -17.84
C VAL A 20 32.23 0.42 -18.36
N CYS A 21 32.42 1.07 -19.50
CA CYS A 21 33.71 1.18 -20.14
C CYS A 21 34.12 2.63 -20.06
N TYR A 22 35.39 2.87 -19.77
CA TYR A 22 36.00 4.18 -19.98
C TYR A 22 37.38 4.04 -20.61
N GLY A 23 37.48 4.48 -21.86
CA GLY A 23 38.64 4.20 -22.65
C GLY A 23 38.62 2.73 -22.91
N SER A 24 39.69 2.07 -22.48
CA SER A 24 39.81 0.62 -22.61
C SER A 24 39.52 -0.05 -21.26
N THR A 25 39.35 0.72 -20.18
CA THR A 25 39.11 0.11 -18.87
C THR A 25 37.64 -0.29 -18.73
N VAL A 26 37.38 -1.51 -18.25
CA VAL A 26 36.02 -2.07 -18.13
C VAL A 26 35.71 -2.67 -16.76
N LEU A 27 34.60 -2.24 -16.19
CA LEU A 27 34.17 -2.75 -14.94
C LEU A 27 32.65 -2.70 -14.84
N ASN A 28 32.09 -3.01 -13.67
CA ASN A 28 30.66 -3.13 -13.53
C ASN A 28 30.04 -1.85 -13.03
N GLY A 29 28.77 -1.65 -13.37
CA GLY A 29 27.95 -0.58 -12.80
C GLY A 29 26.65 -1.12 -12.22
N VAL A 30 26.05 -0.35 -11.31
CA VAL A 30 24.74 -0.68 -10.80
C VAL A 30 23.77 0.39 -11.24
N TRP A 31 22.85 -0.02 -12.08
CA TRP A 31 21.86 0.81 -12.71
C TRP A 31 20.56 0.75 -11.89
N LEU A 32 20.27 1.86 -11.23
CA LEU A 32 18.99 2.07 -10.55
C LEU A 32 18.35 3.37 -11.04
N GLY A 33 17.07 3.28 -11.43
CA GLY A 33 16.43 4.38 -12.12
C GLY A 33 17.31 4.71 -13.32
N ASP A 34 17.55 6.00 -13.50
CA ASP A 34 18.40 6.49 -14.58
C ASP A 34 19.80 6.85 -14.08
N THR A 35 20.30 6.12 -13.07
CA THR A 35 21.69 6.29 -12.65
C THR A 35 22.44 4.97 -12.64
N VAL A 36 23.62 4.94 -13.25
CA VAL A 36 24.58 3.85 -13.10
C VAL A 36 25.57 4.34 -12.06
N THR A 37 25.62 3.71 -10.90
CA THR A 37 26.71 3.96 -9.97
C THR A 37 27.80 2.99 -10.27
N CYS A 38 29.04 3.40 -10.10
CA CYS A 38 30.19 2.53 -10.39
C CYS A 38 31.46 3.13 -9.79
N PRO A 39 32.49 2.28 -9.63
CA PRO A 39 33.72 2.79 -9.03
C PRO A 39 34.39 3.82 -9.92
N ARG A 40 34.98 4.82 -9.28
CA ARG A 40 35.45 5.97 -9.99
C ARG A 40 36.75 5.73 -10.67
N HIS A 41 37.47 4.71 -10.29
CA HIS A 41 38.75 4.48 -10.95
C HIS A 41 38.64 3.89 -12.34
N VAL A 42 37.41 3.70 -12.83
CA VAL A 42 37.16 3.41 -14.23
C VAL A 42 37.80 4.48 -15.10
N ILE A 43 37.86 5.74 -14.61
CA ILE A 43 38.51 6.83 -15.33
C ILE A 43 39.97 7.03 -14.96
N ALA A 44 40.53 6.18 -14.13
CA ALA A 44 41.88 6.44 -13.66
C ALA A 44 42.75 6.32 -14.86
N PRO A 45 43.80 7.11 -14.97
CA PRO A 45 44.74 6.96 -16.06
C PRO A 45 45.63 5.71 -15.98
N SER A 46 46.22 5.42 -14.84
CA SER A 46 47.07 4.25 -14.69
C SER A 46 47.27 3.81 -13.25
N THR A 47 47.53 2.53 -13.09
CA THR A 47 47.76 1.90 -11.79
C THR A 47 49.01 2.20 -10.92
N THR A 48 50.17 2.31 -11.53
CA THR A 48 51.43 2.42 -10.78
C THR A 48 51.72 3.58 -9.81
N VAL A 49 51.36 4.78 -10.22
CA VAL A 49 51.56 6.09 -9.59
C VAL A 49 50.25 6.58 -8.98
N LEU A 50 50.35 7.46 -7.98
CA LEU A 50 49.15 8.07 -7.36
C LEU A 50 48.26 8.79 -8.36
N ILE A 51 46.95 8.76 -8.13
CA ILE A 51 45.98 9.31 -9.07
C ILE A 51 45.34 10.58 -8.49
N ASP A 52 45.43 11.64 -9.28
CA ASP A 52 44.71 12.87 -9.01
C ASP A 52 43.29 12.74 -9.60
N TYR A 53 42.34 12.40 -8.74
CA TYR A 53 40.97 12.14 -9.21
C TYR A 53 40.22 13.41 -9.58
N ASP A 54 40.34 14.44 -8.75
CA ASP A 54 40.04 15.81 -9.15
C ASP A 54 40.41 16.15 -10.63
N HIS A 55 41.68 15.94 -11.00
CA HIS A 55 42.14 16.19 -12.37
C HIS A 55 41.45 15.21 -13.32
N ALA A 56 41.42 13.93 -12.97
CA ALA A 56 40.89 12.90 -13.90
C ALA A 56 39.45 13.19 -14.26
N TYR A 57 38.70 13.64 -13.25
CA TYR A 57 37.29 13.96 -13.38
C TYR A 57 37.03 15.23 -14.18
N SER A 58 37.84 16.26 -13.92
CA SER A 58 37.76 17.52 -14.68
C SER A 58 38.13 17.36 -16.14
N THR A 59 39.12 16.49 -16.43
CA THR A 59 39.54 16.14 -17.79
C THR A 59 38.81 14.97 -18.38
N MET A 60 37.78 14.49 -17.71
CA MET A 60 37.10 13.28 -18.15
C MET A 60 36.13 13.72 -19.24
N ARG A 61 36.16 13.05 -20.39
CA ARG A 61 35.23 13.33 -21.51
C ARG A 61 34.18 12.24 -21.71
N LEU A 62 32.92 12.66 -21.71
CA LEU A 62 31.78 11.72 -21.82
C LEU A 62 31.89 10.79 -23.00
N HIS A 63 32.44 11.26 -24.11
CA HIS A 63 32.56 10.45 -25.31
C HIS A 63 33.39 9.18 -25.15
N ASN A 64 34.20 9.05 -24.08
CA ASN A 64 34.94 7.80 -23.87
C ASN A 64 34.23 6.81 -22.97
N PHE A 65 33.10 7.19 -22.40
CA PHE A 65 32.24 6.20 -21.74
C PHE A 65 31.52 5.34 -22.76
N SER A 66 31.29 4.06 -22.41
CA SER A 66 30.36 3.23 -23.13
C SER A 66 29.73 2.28 -22.11
N VAL A 67 28.46 2.53 -21.83
CA VAL A 67 27.70 1.81 -20.82
C VAL A 67 26.77 0.93 -21.61
N SER A 68 26.95 -0.38 -21.53
CA SER A 68 26.07 -1.36 -22.18
C SER A 68 25.45 -2.30 -21.14
N HIS A 69 24.46 -3.04 -21.58
CA HIS A 69 23.92 -4.12 -20.81
C HIS A 69 23.46 -5.12 -21.81
N ASN A 70 23.95 -6.32 -21.62
CA ASN A 70 23.72 -7.47 -22.52
C ASN A 70 23.84 -7.10 -24.00
N GLY A 71 24.71 -6.15 -24.29
CA GLY A 71 24.96 -5.71 -25.64
C GLY A 71 24.18 -4.46 -25.98
N VAL A 72 23.09 -4.19 -25.21
CA VAL A 72 22.22 -3.01 -25.48
C VAL A 72 22.77 -1.65 -25.05
N PHE A 73 22.39 -0.61 -25.72
CA PHE A 73 22.91 0.64 -25.35
C PHE A 73 22.26 1.61 -24.39
N LEU A 74 22.99 1.95 -23.34
CA LEU A 74 22.65 3.03 -22.40
C LEU A 74 23.45 4.26 -22.69
N GLY A 75 22.77 5.38 -22.87
CA GLY A 75 23.49 6.60 -23.21
C GLY A 75 23.92 7.30 -21.95
N VAL A 76 25.08 7.89 -21.98
CA VAL A 76 25.51 8.74 -20.89
C VAL A 76 25.06 10.17 -21.14
N VAL A 77 24.43 10.74 -20.15
CA VAL A 77 23.98 12.10 -20.23
C VAL A 77 24.94 12.98 -19.49
N GLY A 78 25.27 12.55 -18.27
CA GLY A 78 26.32 13.18 -17.48
C GLY A 78 26.86 12.35 -16.35
N VAL A 79 27.90 12.88 -15.69
CA VAL A 79 28.61 12.15 -14.67
C VAL A 79 29.03 13.06 -13.52
N THR A 80 28.57 12.77 -12.30
CA THR A 80 29.10 13.39 -11.06
C THR A 80 29.99 12.41 -10.35
N MET A 81 30.86 12.92 -9.49
CA MET A 81 31.76 12.08 -8.68
C MET A 81 31.49 12.30 -7.18
N HIS A 82 31.27 11.21 -6.44
CA HIS A 82 30.93 11.24 -5.02
C HIS A 82 31.82 10.22 -4.35
N GLY A 83 32.66 10.67 -3.43
CA GLY A 83 33.80 9.91 -2.95
C GLY A 83 34.44 9.07 -4.03
N SER A 84 34.49 7.76 -3.82
CA SER A 84 35.17 6.81 -4.69
C SER A 84 34.25 6.26 -5.78
N VAL A 85 33.01 6.77 -5.90
CA VAL A 85 32.13 6.37 -7.02
C VAL A 85 31.73 7.48 -8.01
N LEU A 86 31.38 7.08 -9.24
CA LEU A 86 30.74 7.95 -10.20
C LEU A 86 29.27 7.64 -10.21
N ARG A 87 28.47 8.68 -10.35
CA ARG A 87 27.07 8.56 -10.67
C ARG A 87 26.91 9.05 -12.10
N ILE A 88 26.89 8.08 -13.02
CA ILE A 88 26.65 8.28 -14.42
C ILE A 88 25.13 8.40 -14.60
N LYS A 89 24.61 9.58 -14.97
CA LYS A 89 23.22 9.69 -15.43
C LYS A 89 23.12 9.12 -16.82
N VAL A 90 21.97 8.51 -17.14
CA VAL A 90 21.81 7.78 -18.40
C VAL A 90 20.43 7.96 -19.00
N SER A 91 20.30 7.69 -20.29
CA SER A 91 19.12 8.09 -21.02
C SER A 91 17.89 7.25 -20.68
N GLN A 92 18.06 5.96 -20.41
CA GLN A 92 16.93 5.09 -20.03
C GLN A 92 16.90 4.90 -18.51
N SER A 93 15.71 4.80 -17.97
CA SER A 93 15.51 4.38 -16.59
C SER A 93 15.40 2.89 -16.59
N ASN A 94 16.18 2.24 -15.74
CA ASN A 94 16.16 0.77 -15.61
C ASN A 94 14.78 0.30 -15.19
N VAL A 95 14.08 -0.28 -16.14
CA VAL A 95 12.73 -0.74 -15.90
C VAL A 95 12.71 -1.82 -14.80
N HIS A 96 13.81 -2.55 -14.59
CA HIS A 96 13.86 -3.62 -13.58
C HIS A 96 14.35 -3.12 -12.23
N THR A 97 14.36 -1.80 -12.02
CA THR A 97 14.87 -1.27 -10.76
C THR A 97 13.97 -1.80 -9.67
N PRO A 98 14.56 -2.43 -8.64
CA PRO A 98 13.78 -2.92 -7.54
C PRO A 98 13.56 -1.88 -6.48
N LYS A 99 12.53 -2.04 -5.67
CA LYS A 99 12.35 -1.27 -4.48
C LYS A 99 13.64 -1.42 -3.70
N HIS A 100 14.28 -0.29 -3.42
CA HIS A 100 15.61 -0.31 -2.84
C HIS A 100 15.93 0.86 -1.95
N VAL A 101 16.99 0.70 -1.18
CA VAL A 101 17.54 1.79 -0.42
C VAL A 101 19.04 1.53 -0.29
N PHE A 102 19.76 2.59 0.07
CA PHE A 102 21.17 2.50 0.23
C PHE A 102 21.44 2.49 1.71
N LYS A 103 22.27 1.57 2.17
CA LYS A 103 22.46 1.31 3.60
C LYS A 103 23.96 1.01 3.82
N THR A 104 24.58 1.61 4.84
CA THR A 104 26.04 1.41 5.07
C THR A 104 26.36 0.38 6.17
N LEU A 105 27.10 -0.65 5.79
CA LEU A 105 27.38 -1.80 6.67
C LEU A 105 28.22 -1.41 7.87
N LYS A 106 27.90 -1.96 9.05
CA LYS A 106 28.79 -1.88 10.24
C LYS A 106 29.48 -3.21 10.29
N PRO A 107 30.66 -3.27 10.89
CA PRO A 107 31.31 -4.60 10.95
C PRO A 107 30.50 -5.58 11.82
N GLY A 108 30.51 -6.85 11.45
CA GLY A 108 29.62 -7.82 12.02
C GLY A 108 28.46 -8.12 11.07
N ASP A 109 27.96 -7.11 10.40
CA ASP A 109 26.91 -7.29 9.39
C ASP A 109 27.29 -8.29 8.31
N SER A 110 26.25 -8.99 7.85
CA SER A 110 26.38 -9.96 6.80
C SER A 110 25.60 -9.45 5.58
N PHE A 111 26.11 -9.78 4.40
CA PHE A 111 25.51 -9.32 3.16
C PHE A 111 25.84 -10.25 2.01
N ASN A 112 25.32 -9.96 0.83
CA ASN A 112 25.48 -10.83 -0.29
C ASN A 112 26.30 -10.09 -1.30
N ILE A 113 27.30 -10.74 -1.90
CA ILE A 113 28.07 -10.16 -3.01
C ILE A 113 27.59 -10.92 -4.21
N LEU A 114 27.21 -10.18 -5.26
CA LEU A 114 27.05 -10.73 -6.63
C LEU A 114 28.28 -10.37 -7.44
N ALA A 115 29.17 -11.33 -7.59
CA ALA A 115 30.37 -11.17 -8.37
C ALA A 115 30.06 -11.05 -9.90
N CYS A 116 30.41 -9.90 -10.48
CA CYS A 116 30.12 -9.62 -11.85
C CYS A 116 31.39 -9.28 -12.63
N TYR A 117 31.36 -9.57 -13.93
CA TYR A 117 32.46 -9.28 -14.86
C TYR A 117 31.79 -8.81 -16.17
N GLU A 118 32.31 -7.75 -16.79
CA GLU A 118 31.79 -7.22 -18.04
C GLU A 118 30.28 -6.92 -17.96
N GLY A 119 29.81 -6.65 -16.76
CA GLY A 119 28.40 -6.30 -16.52
C GLY A 119 27.47 -7.49 -16.37
N ILE A 120 28.06 -8.67 -16.20
CA ILE A 120 27.35 -9.95 -16.13
C ILE A 120 27.67 -10.65 -14.81
N ALA A 121 26.61 -11.04 -14.13
CA ALA A 121 26.70 -11.75 -12.86
C ALA A 121 27.25 -13.10 -13.11
N SER A 122 28.33 -13.46 -12.45
CA SER A 122 28.89 -14.81 -12.59
C SER A 122 28.71 -15.65 -11.32
N GLY A 123 28.67 -15.02 -10.16
CA GLY A 123 28.46 -15.75 -8.95
C GLY A 123 27.90 -14.94 -7.85
N VAL A 124 27.42 -15.66 -6.83
CA VAL A 124 26.82 -15.01 -5.71
C VAL A 124 27.20 -15.73 -4.47
N PHE A 125 27.44 -14.96 -3.41
CA PHE A 125 27.88 -15.55 -2.16
C PHE A 125 27.73 -14.62 -0.97
N GLY A 126 27.48 -15.22 0.17
CA GLY A 126 27.35 -14.49 1.42
C GLY A 126 28.70 -14.23 2.03
N VAL A 127 28.77 -13.19 2.85
CA VAL A 127 30.05 -12.76 3.38
C VAL A 127 29.75 -11.81 4.54
N ASN A 128 30.70 -11.72 5.49
CA ASN A 128 30.56 -10.83 6.64
C ASN A 128 31.55 -9.69 6.53
N LEU A 129 31.08 -8.48 6.91
CA LEU A 129 31.98 -7.34 7.00
C LEU A 129 32.75 -7.45 8.29
N ARG A 130 34.05 -7.61 8.15
CA ARG A 130 34.92 -7.87 9.26
C ARG A 130 35.27 -6.63 9.98
N THR A 131 35.78 -6.79 11.21
CA THR A 131 36.09 -5.68 12.12
C THR A 131 37.07 -4.69 11.48
N ASN A 132 37.96 -5.19 10.64
CA ASN A 132 38.97 -4.39 9.95
C ASN A 132 38.45 -3.79 8.62
N PHE A 133 37.14 -3.83 8.44
CA PHE A 133 36.44 -3.25 7.29
C PHE A 133 36.76 -3.89 5.93
N THR A 134 37.35 -5.07 5.92
CA THR A 134 37.48 -5.85 4.71
C THR A 134 36.52 -7.02 4.68
N ILE A 135 36.43 -7.68 3.53
CA ILE A 135 35.74 -8.97 3.42
C ILE A 135 36.70 -9.95 2.78
N LYS A 136 36.47 -11.25 2.98
CA LYS A 136 37.18 -12.29 2.25
C LYS A 136 36.26 -12.78 1.15
N GLY A 137 36.57 -12.41 -0.08
CA GLY A 137 35.70 -12.65 -1.23
C GLY A 137 36.54 -13.41 -2.23
N SER A 138 36.04 -13.55 -3.47
CA SER A 138 36.79 -14.11 -4.61
C SER A 138 36.48 -13.22 -5.77
N PHE A 139 37.48 -12.47 -6.15
CA PHE A 139 37.36 -11.49 -7.20
C PHE A 139 38.64 -11.53 -7.97
N ILE A 140 38.53 -11.65 -9.28
CA ILE A 140 39.67 -11.40 -10.17
C ILE A 140 39.49 -10.09 -10.92
N ASN A 141 40.37 -9.87 -11.91
CA ASN A 141 40.35 -8.67 -12.73
C ASN A 141 38.99 -8.47 -13.41
N GLY A 142 38.38 -7.32 -13.14
CA GLY A 142 37.10 -6.95 -13.77
C GLY A 142 35.90 -7.00 -12.85
N ALA A 143 36.15 -7.45 -11.62
CA ALA A 143 35.12 -7.62 -10.62
C ALA A 143 34.68 -6.31 -9.99
N CYS A 144 35.43 -5.21 -10.14
CA CYS A 144 35.06 -3.93 -9.50
C CYS A 144 33.72 -3.54 -9.96
N GLY A 145 32.95 -2.95 -9.06
CA GLY A 145 31.60 -2.57 -9.38
C GLY A 145 30.61 -3.63 -9.00
N SER A 146 31.07 -4.85 -8.66
CA SER A 146 30.19 -5.95 -8.26
C SER A 146 29.45 -5.40 -7.06
N PRO A 147 28.12 -5.51 -7.03
CA PRO A 147 27.40 -4.96 -5.91
C PRO A 147 27.22 -5.97 -4.83
N GLY A 148 27.12 -5.46 -3.59
CA GLY A 148 26.69 -6.24 -2.45
C GLY A 148 25.41 -5.64 -1.87
N TYR A 149 24.60 -6.47 -1.25
CA TYR A 149 23.24 -6.13 -0.97
C TYR A 149 22.67 -7.08 0.09
N ASN A 150 21.57 -6.65 0.68
CA ASN A 150 20.68 -7.53 1.45
C ASN A 150 19.33 -7.28 0.96
N VAL A 151 18.46 -8.23 1.23
CA VAL A 151 17.06 -8.08 0.84
C VAL A 151 16.22 -8.28 2.08
N ARG A 152 15.41 -7.27 2.40
CA ARG A 152 14.49 -7.30 3.53
C ARG A 152 13.26 -8.11 3.15
N ASN A 153 12.36 -8.32 4.10
CA ASN A 153 11.16 -9.18 3.88
C ASN A 153 10.17 -8.59 2.90
N ASP A 154 9.98 -7.27 3.00
CA ASP A 154 9.18 -6.50 2.03
C ASP A 154 9.75 -6.48 0.61
N GLY A 155 10.78 -7.28 0.33
CA GLY A 155 11.43 -7.35 -0.98
C GLY A 155 12.41 -6.21 -1.25
N THR A 156 12.65 -5.36 -0.23
CA THR A 156 13.46 -4.16 -0.40
C THR A 156 14.95 -4.53 -0.45
N VAL A 157 15.59 -4.16 -1.55
CA VAL A 157 17.02 -4.38 -1.71
C VAL A 157 17.75 -3.27 -0.97
N GLU A 158 18.61 -3.65 -0.05
CA GLU A 158 19.49 -2.68 0.54
C GLU A 158 20.78 -2.76 -0.20
N PHE A 159 21.08 -1.77 -1.05
CA PHE A 159 22.41 -1.77 -1.70
C PHE A 159 23.48 -1.16 -0.77
N CYS A 160 24.50 -1.94 -0.46
CA CYS A 160 25.43 -1.59 0.59
C CYS A 160 26.93 -1.72 0.27
N TYR A 161 27.29 -2.17 -0.91
CA TYR A 161 28.68 -2.40 -1.23
C TYR A 161 28.92 -2.32 -2.73
N LEU A 162 30.08 -1.79 -3.09
CA LEU A 162 30.53 -1.76 -4.46
C LEU A 162 31.96 -2.16 -4.44
N HIS A 163 32.31 -3.27 -5.07
CA HIS A 163 33.68 -3.69 -4.99
C HIS A 163 34.66 -2.64 -5.60
N GLN A 164 35.79 -2.41 -4.92
CA GLN A 164 36.78 -1.41 -5.35
C GLN A 164 38.22 -1.98 -5.48
N ILE A 165 38.73 -2.60 -4.41
CA ILE A 165 40.15 -2.97 -4.35
C ILE A 165 40.42 -4.28 -3.62
N GLU A 166 41.58 -4.85 -3.92
CA GLU A 166 42.11 -6.00 -3.23
C GLU A 166 43.43 -5.55 -2.60
N LEU A 167 43.50 -5.59 -1.27
CA LEU A 167 44.73 -5.26 -0.55
C LEU A 167 45.82 -6.33 -0.84
N GLY A 168 47.07 -6.07 -0.43
CA GLY A 168 48.14 -7.01 -0.73
C GLY A 168 47.93 -8.35 -0.05
N SER A 169 47.32 -8.35 1.14
CA SER A 169 46.89 -9.57 1.82
C SER A 169 45.93 -10.48 1.06
N GLY A 170 45.23 -9.97 0.05
CA GLY A 170 44.09 -10.66 -0.57
C GLY A 170 42.73 -10.16 -0.04
N ALA A 171 42.70 -9.41 1.06
CA ALA A 171 41.44 -8.92 1.61
C ALA A 171 40.81 -7.91 0.64
N HIS A 172 39.49 -7.85 0.61
CA HIS A 172 38.75 -7.06 -0.35
C HIS A 172 38.07 -5.89 0.32
N VAL A 173 38.04 -4.77 -0.40
CA VAL A 173 37.45 -3.55 0.10
C VAL A 173 36.50 -3.00 -0.94
N GLY A 174 35.48 -2.32 -0.49
CA GLY A 174 34.64 -1.57 -1.38
C GLY A 174 34.08 -0.36 -0.70
N SER A 175 33.25 0.37 -1.39
CA SER A 175 32.60 1.51 -0.84
C SER A 175 31.15 1.14 -0.72
N ASP A 176 30.43 1.98 0.01
CA ASP A 176 28.97 1.98 -0.05
C ASP A 176 28.58 2.83 -1.27
N PHE A 177 27.30 3.12 -1.42
CA PHE A 177 26.85 3.74 -2.65
C PHE A 177 26.95 5.28 -2.59
N THR A 178 27.36 5.79 -1.43
CA THR A 178 27.64 7.20 -1.31
C THR A 178 29.07 7.46 -1.67
N GLY A 179 29.82 6.41 -1.89
CA GLY A 179 31.20 6.54 -2.26
C GLY A 179 32.17 6.46 -1.11
N SER A 180 31.67 6.37 0.15
CA SER A 180 32.56 6.24 1.30
C SER A 180 33.13 4.85 1.23
N VAL A 181 34.46 4.75 1.22
CA VAL A 181 35.12 3.46 1.20
C VAL A 181 35.00 2.87 2.61
N TYR A 182 34.80 1.55 2.68
CA TYR A 182 34.63 0.89 3.98
C TYR A 182 35.96 0.97 4.70
N GLY A 183 35.92 1.36 5.98
CA GLY A 183 37.09 1.48 6.82
C GLY A 183 38.04 2.58 6.42
N ASN A 184 37.57 3.53 5.62
CA ASN A 184 38.42 4.66 5.23
C ASN A 184 39.75 4.25 4.57
N PHE A 185 39.76 3.14 3.84
CA PHE A 185 40.84 2.84 2.90
C PHE A 185 40.70 3.77 1.70
N ASP A 186 41.72 3.77 0.85
CA ASP A 186 41.78 4.67 -0.29
C ASP A 186 41.72 3.87 -1.56
N ASP A 187 40.97 4.32 -2.55
CA ASP A 187 40.91 3.60 -3.79
C ASP A 187 42.04 4.05 -4.66
N GLN A 188 43.24 3.74 -4.24
CA GLN A 188 44.44 4.10 -4.96
C GLN A 188 45.39 2.95 -4.91
N PRO A 189 46.40 2.96 -5.77
CA PRO A 189 47.35 1.87 -5.71
C PRO A 189 48.35 2.35 -4.70
N SER A 190 48.11 2.03 -3.44
CA SER A 190 48.92 2.51 -2.38
C SER A 190 49.23 1.39 -1.45
N LEU A 191 50.05 1.65 -0.46
CA LEU A 191 50.36 0.53 0.38
C LEU A 191 49.48 0.68 1.61
N GLN A 192 48.38 -0.05 1.66
CA GLN A 192 47.55 0.03 2.80
C GLN A 192 47.44 -1.36 3.26
N VAL A 193 47.53 -1.48 4.57
CA VAL A 193 47.37 -2.71 5.30
C VAL A 193 46.22 -2.57 6.30
N GLU A 194 45.46 -3.67 6.45
CA GLU A 194 44.23 -3.67 7.23
C GLU A 194 44.60 -3.95 8.69
N SER A 195 43.85 -3.42 9.65
CA SER A 195 44.07 -3.79 11.05
C SER A 195 43.93 -5.32 11.18
N ALA A 196 44.17 -5.84 12.38
CA ALA A 196 43.96 -7.27 12.67
C ALA A 196 42.48 -7.63 12.64
N ASN A 197 42.21 -8.79 12.06
CA ASN A 197 40.82 -9.25 11.99
C ASN A 197 40.47 -9.91 13.32
N LEU A 198 39.40 -9.48 13.96
CA LEU A 198 38.87 -10.17 15.13
C LEU A 198 37.80 -11.20 14.80
N MET A 199 37.73 -12.24 15.63
CA MET A 199 36.69 -13.23 15.58
C MET A 199 35.43 -12.55 16.01
N LEU A 200 34.38 -12.71 15.23
CA LEU A 200 33.12 -12.06 15.54
C LEU A 200 32.38 -12.92 16.57
N SER A 201 32.58 -12.62 17.85
CA SER A 201 32.08 -13.44 18.95
C SER A 201 30.58 -13.76 18.87
N ASP A 202 29.78 -12.71 18.65
CA ASP A 202 28.36 -12.87 18.49
C ASP A 202 28.03 -13.99 17.56
N ASN A 203 28.71 -14.03 16.40
CA ASN A 203 28.45 -15.03 15.36
C ASN A 203 28.89 -16.40 15.84
N VAL A 204 29.98 -16.44 16.61
CA VAL A 204 30.46 -17.69 17.23
C VAL A 204 29.42 -18.22 18.20
N VAL A 205 28.83 -17.32 18.99
CA VAL A 205 27.77 -17.75 19.88
C VAL A 205 26.60 -18.36 19.12
N ALA A 206 26.11 -17.65 18.12
CA ALA A 206 25.01 -18.13 17.25
C ALA A 206 25.35 -19.43 16.57
N PHE A 207 26.59 -19.57 16.14
CA PHE A 207 27.05 -20.83 15.61
C PHE A 207 26.87 -21.98 16.59
N LEU A 208 27.20 -21.73 17.86
CA LEU A 208 27.18 -22.76 18.88
C LEU A 208 25.76 -23.14 19.24
N TYR A 209 24.87 -22.14 19.35
CA TYR A 209 23.44 -22.43 19.46
C TYR A 209 22.94 -23.30 18.31
N ALA A 210 23.45 -23.04 17.11
CA ALA A 210 23.03 -23.82 15.95
C ALA A 210 23.51 -25.24 16.07
N ALA A 211 24.76 -25.40 16.45
CA ALA A 211 25.34 -26.70 16.66
C ALA A 211 24.48 -27.47 17.65
N LEU A 212 24.16 -26.85 18.79
CA LEU A 212 23.25 -27.48 19.78
C LEU A 212 21.97 -27.96 19.12
N LEU A 213 21.24 -27.03 18.54
CA LEU A 213 19.97 -27.35 17.86
C LEU A 213 20.09 -28.35 16.70
N ASN A 214 21.31 -28.65 16.26
CA ASN A 214 21.51 -29.69 15.27
C ASN A 214 22.12 -30.96 15.91
N GLY A 215 21.84 -31.16 17.21
CA GLY A 215 22.40 -32.25 18.02
C GLY A 215 23.91 -32.37 18.15
N CYS A 216 24.63 -31.25 18.09
CA CYS A 216 26.07 -31.29 18.26
C CYS A 216 26.46 -30.61 19.58
N ARG A 217 26.77 -31.47 20.57
CA ARG A 217 26.88 -31.08 21.99
C ARG A 217 28.19 -31.51 22.66
N TRP A 218 28.99 -32.40 22.04
CA TRP A 218 30.25 -32.88 22.62
C TRP A 218 31.12 -31.78 23.25
N TRP A 219 31.15 -30.61 22.60
CA TRP A 219 31.98 -29.43 22.98
C TRP A 219 31.47 -28.66 24.20
N LEU A 220 30.26 -28.96 24.65
CA LEU A 220 29.59 -28.06 25.57
C LEU A 220 30.17 -28.12 26.96
N CYS A 221 30.67 -27.01 27.48
CA CYS A 221 31.26 -26.94 28.83
C CYS A 221 30.23 -26.64 29.92
N SER A 222 30.48 -27.20 31.12
CA SER A 222 29.71 -26.91 32.35
C SER A 222 30.12 -25.60 33.03
N THR A 223 31.24 -24.99 32.59
CA THR A 223 31.62 -23.63 32.95
C THR A 223 30.60 -22.56 32.47
N ARG A 224 30.34 -21.53 33.26
CA ARG A 224 29.66 -20.30 32.83
C ARG A 224 30.59 -19.10 33.02
N VAL A 225 30.48 -18.14 32.11
CA VAL A 225 31.31 -16.92 32.13
C VAL A 225 30.38 -15.79 31.79
N ASN A 226 30.44 -14.70 32.54
CA ASN A 226 29.53 -13.58 32.33
C ASN A 226 30.12 -12.74 31.22
N VAL A 227 29.37 -11.74 30.80
CA VAL A 227 29.72 -10.99 29.60
C VAL A 227 31.06 -10.20 29.78
N ASP A 228 31.16 -9.47 30.89
CA ASP A 228 32.35 -8.62 31.20
C ASP A 228 33.63 -9.44 31.23
N GLY A 229 33.52 -10.64 31.81
CA GLY A 229 34.60 -11.58 31.92
C GLY A 229 35.02 -12.08 30.56
N PHE A 230 34.02 -12.38 29.74
CA PHE A 230 34.29 -12.83 28.36
C PHE A 230 34.96 -11.72 27.54
N ASN A 231 34.36 -10.54 27.57
CA ASN A 231 34.85 -9.41 26.79
C ASN A 231 36.33 -9.12 27.07
N GLU A 232 36.70 -9.13 28.35
CA GLU A 232 38.08 -8.99 28.80
C GLU A 232 38.97 -10.08 28.19
N TRP A 233 38.54 -11.34 28.28
CA TRP A 233 39.26 -12.48 27.67
C TRP A 233 39.46 -12.30 26.16
N ALA A 234 38.43 -11.74 25.53
CA ALA A 234 38.35 -11.60 24.07
C ALA A 234 39.42 -10.70 23.50
N MET A 235 39.50 -9.48 24.05
CA MET A 235 40.59 -8.52 23.75
C MET A 235 41.96 -9.20 23.69
N ALA A 236 42.25 -9.96 24.75
CA ALA A 236 43.49 -10.69 24.85
C ALA A 236 43.68 -11.78 23.81
N ASN A 237 42.60 -12.26 23.19
CA ASN A 237 42.67 -13.46 22.32
C ASN A 237 42.21 -13.36 20.86
N GLY A 238 41.80 -12.18 20.43
CA GLY A 238 41.52 -11.91 19.00
C GLY A 238 40.06 -12.10 18.64
N TYR A 239 39.18 -11.62 19.53
CA TYR A 239 37.74 -11.84 19.50
C TYR A 239 37.11 -10.51 19.79
N THR A 240 35.88 -10.32 19.32
CA THR A 240 35.15 -9.11 19.63
C THR A 240 34.49 -9.24 21.00
N SER A 241 33.95 -8.13 21.45
CA SER A 241 32.99 -8.15 22.51
C SER A 241 31.74 -8.89 22.09
N VAL A 242 30.90 -9.20 23.08
CA VAL A 242 29.69 -9.93 22.85
C VAL A 242 28.59 -9.01 23.29
N SER A 243 27.50 -9.05 22.54
CA SER A 243 26.41 -8.12 22.72
C SER A 243 25.53 -8.60 23.84
N SER A 244 24.55 -7.77 24.19
CA SER A 244 23.58 -8.07 25.24
C SER A 244 23.13 -9.54 25.13
N VAL A 245 23.17 -10.30 26.23
CA VAL A 245 22.73 -11.72 26.23
C VAL A 245 21.22 -11.93 25.88
N GLU A 246 20.41 -10.90 26.11
CA GLU A 246 18.98 -10.92 25.76
C GLU A 246 18.71 -11.11 24.26
N CYS A 247 19.64 -10.69 23.40
CA CYS A 247 19.53 -10.89 21.95
C CYS A 247 19.26 -12.33 21.64
N TYR A 248 19.88 -13.25 22.38
CA TYR A 248 19.83 -14.66 22.05
C TYR A 248 18.68 -15.41 22.73
N SER A 249 17.68 -14.70 23.22
CA SER A 249 16.75 -15.27 24.17
C SER A 249 15.98 -16.44 23.56
N ILE A 250 15.71 -16.35 22.27
CA ILE A 250 14.99 -17.38 21.58
C ILE A 250 15.75 -18.68 21.54
N LEU A 251 17.05 -18.59 21.29
CA LEU A 251 17.90 -19.80 21.22
C LEU A 251 18.29 -20.35 22.60
N ALA A 252 18.53 -19.44 23.54
CA ALA A 252 18.64 -19.80 24.94
C ALA A 252 17.46 -20.70 25.29
N ALA A 253 16.25 -20.18 25.02
CA ALA A 253 14.98 -20.89 25.27
C ALA A 253 14.92 -22.28 24.63
N LYS A 254 15.06 -22.29 23.32
CA LYS A 254 14.90 -23.52 22.58
C LYS A 254 15.93 -24.63 22.93
N THR A 255 17.13 -24.26 23.36
CA THR A 255 18.14 -25.23 23.74
C THR A 255 18.23 -25.43 25.26
N GLY A 256 17.77 -24.43 26.04
CA GLY A 256 18.01 -24.40 27.49
C GLY A 256 19.44 -24.18 27.94
N VAL A 257 20.29 -23.70 27.02
CA VAL A 257 21.66 -23.34 27.32
C VAL A 257 21.80 -21.82 27.27
N SER A 258 22.38 -21.21 28.32
CA SER A 258 22.59 -19.75 28.38
C SER A 258 23.80 -19.30 27.57
N VAL A 259 23.78 -18.03 27.21
CA VAL A 259 24.93 -17.46 26.51
C VAL A 259 26.20 -17.71 27.31
N GLU A 260 26.05 -17.46 28.61
CA GLU A 260 27.15 -17.50 29.55
C GLU A 260 27.97 -18.78 29.42
N GLN A 261 27.23 -19.86 29.23
CA GLN A 261 27.79 -21.19 29.07
C GLN A 261 28.50 -21.36 27.71
N LEU A 262 27.95 -20.71 26.68
CA LEU A 262 28.56 -20.73 25.35
C LEU A 262 29.82 -19.91 25.31
N LEU A 263 29.78 -18.74 25.95
CA LEU A 263 30.99 -17.91 26.12
C LEU A 263 32.14 -18.67 26.74
N ALA A 264 31.86 -19.33 27.86
CA ALA A 264 32.81 -20.26 28.50
C ALA A 264 33.31 -21.33 27.51
N SER A 265 32.36 -21.99 26.84
CA SER A 265 32.71 -23.03 25.88
C SER A 265 33.61 -22.48 24.75
N ILE A 266 33.38 -21.22 24.38
CA ILE A 266 34.20 -20.51 23.38
C ILE A 266 35.65 -20.47 23.82
N GLN A 267 35.86 -20.12 25.11
CA GLN A 267 37.21 -20.03 25.69
C GLN A 267 38.01 -21.36 25.59
N HIS A 268 37.40 -22.50 25.99
CA HIS A 268 38.04 -23.81 25.82
C HIS A 268 38.21 -24.19 24.39
N LEU A 269 37.21 -23.86 23.60
CA LEU A 269 37.22 -24.27 22.21
C LEU A 269 38.23 -23.50 21.37
N HIS A 270 38.58 -22.28 21.82
CA HIS A 270 39.67 -21.45 21.24
C HIS A 270 40.96 -22.23 21.06
N GLU A 271 41.22 -23.14 21.99
CA GLU A 271 42.45 -23.96 22.03
C GLU A 271 42.53 -25.15 21.02
N GLY A 272 41.50 -25.37 20.21
CA GLY A 272 41.51 -26.43 19.16
C GLY A 272 40.45 -27.48 19.43
N PHE A 273 40.01 -28.17 18.39
CA PHE A 273 38.89 -29.13 18.49
C PHE A 273 39.32 -30.60 18.81
N GLY A 274 40.62 -30.87 18.78
CA GLY A 274 41.14 -32.21 18.95
C GLY A 274 40.68 -33.16 17.85
N GLY A 275 40.72 -32.73 16.58
CA GLY A 275 40.33 -33.60 15.44
C GLY A 275 38.83 -33.84 15.25
N LYS A 276 38.05 -33.56 16.31
CA LYS A 276 36.59 -33.48 16.21
C LYS A 276 36.16 -32.24 15.43
N ASN A 277 34.88 -32.23 15.07
CA ASN A 277 34.30 -31.15 14.28
C ASN A 277 33.02 -30.70 14.94
N ILE A 278 32.61 -29.47 14.61
CA ILE A 278 31.33 -28.90 15.05
C ILE A 278 30.60 -28.56 13.78
N LEU A 279 29.53 -29.31 13.48
CA LEU A 279 28.80 -29.16 12.23
C LEU A 279 29.75 -29.20 11.01
N GLY A 280 30.75 -30.05 11.07
CA GLY A 280 31.72 -30.14 9.99
C GLY A 280 32.96 -29.25 10.11
N TYR A 281 32.87 -28.13 10.85
CA TYR A 281 33.98 -27.18 10.93
C TYR A 281 35.00 -27.71 11.94
N SER A 282 36.30 -27.49 11.68
CA SER A 282 37.39 -28.00 12.55
C SER A 282 37.93 -26.98 13.57
N SER A 283 37.59 -25.69 13.40
CA SER A 283 37.82 -24.66 14.44
C SER A 283 36.55 -23.82 14.53
N LEU A 284 36.52 -22.82 15.42
CA LEU A 284 35.28 -22.08 15.66
C LEU A 284 34.92 -21.25 14.48
N CYS A 285 33.63 -21.15 14.20
CA CYS A 285 33.15 -20.52 13.00
C CYS A 285 32.36 -19.29 13.33
N ASP A 286 32.85 -18.13 12.85
CA ASP A 286 32.05 -16.90 12.94
C ASP A 286 31.38 -16.44 11.64
N GLU A 287 31.13 -17.37 10.71
CA GLU A 287 30.47 -17.03 9.44
C GLU A 287 29.01 -16.60 9.58
N PHE A 288 28.33 -16.99 10.67
CA PHE A 288 26.89 -16.86 10.76
C PHE A 288 26.40 -15.89 11.83
N THR A 289 25.62 -14.87 11.44
CA THR A 289 24.95 -14.04 12.39
C THR A 289 23.88 -14.80 13.12
N LEU A 290 23.42 -14.16 14.19
CA LEU A 290 22.31 -14.64 14.97
C LEU A 290 21.12 -14.77 14.01
N ALA A 291 20.85 -13.65 13.33
CA ALA A 291 19.74 -13.60 12.42
C ALA A 291 19.81 -14.73 11.40
N GLU A 292 20.99 -15.05 10.91
CA GLU A 292 21.13 -16.17 9.92
C GLU A 292 20.72 -17.51 10.50
N VAL A 293 21.22 -17.78 11.71
CA VAL A 293 20.88 -19.00 12.43
C VAL A 293 19.37 -19.07 12.68
N VAL A 294 18.77 -18.00 13.22
CA VAL A 294 17.35 -17.99 13.52
C VAL A 294 16.49 -18.22 12.27
N LYS A 295 16.76 -17.45 11.22
CA LYS A 295 16.16 -17.59 9.88
C LYS A 295 16.34 -19.00 9.32
N GLN A 296 17.55 -19.53 9.32
CA GLN A 296 17.81 -20.87 8.77
C GLN A 296 17.20 -22.07 9.50
N MET A 297 16.94 -21.90 10.81
CA MET A 297 16.45 -22.99 11.67
C MET A 297 14.97 -22.86 11.99
N TYR A 298 14.43 -21.64 11.93
CA TYR A 298 13.05 -21.39 12.29
C TYR A 298 12.25 -20.44 11.37
N GLY A 299 12.89 -19.71 10.47
CA GLY A 299 12.30 -18.52 9.86
C GLY A 299 11.36 -18.60 8.68
N VAL A 300 10.60 -19.68 8.54
CA VAL A 300 9.38 -19.68 7.69
C VAL A 300 8.06 -19.88 8.47
N ASN A 301 7.09 -18.99 8.23
CA ASN A 301 5.90 -18.89 9.08
C ASN A 301 6.15 -19.00 10.62
N SER B 1 -29.94 4.34 -10.30
CA SER B 1 -29.08 3.29 -10.93
C SER B 1 -27.59 3.49 -10.62
N GLY B 2 -26.80 2.49 -10.99
CA GLY B 2 -25.35 2.59 -10.93
C GLY B 2 -24.85 1.61 -9.93
N LEU B 3 -23.55 1.30 -10.03
CA LEU B 3 -22.89 0.38 -9.10
C LEU B 3 -21.52 0.95 -8.76
N LYS B 4 -21.33 1.29 -7.50
CA LYS B 4 -20.12 1.95 -7.05
C LYS B 4 -19.73 1.20 -5.81
N LYS B 5 -18.45 0.87 -5.66
CA LYS B 5 -18.02 0.10 -4.49
C LYS B 5 -17.89 1.08 -3.35
N MET B 6 -18.81 1.01 -2.41
CA MET B 6 -18.82 2.03 -1.38
C MET B 6 -18.52 1.49 -0.01
N ALA B 7 -18.14 2.43 0.84
CA ALA B 7 -17.94 2.17 2.25
C ALA B 7 -19.17 2.62 3.05
N GLN B 8 -19.55 1.86 4.04
CA GLN B 8 -20.50 2.34 5.01
C GLN B 8 -19.89 3.54 5.74
N PRO B 9 -20.75 4.48 6.17
CA PRO B 9 -20.31 5.67 6.88
C PRO B 9 -19.44 5.38 8.07
N SER B 10 -18.43 6.22 8.25
CA SER B 10 -17.29 5.92 9.11
C SER B 10 -17.33 6.65 10.43
N GLY B 11 -18.36 7.44 10.66
CA GLY B 11 -18.35 8.31 11.82
C GLY B 11 -18.29 7.58 13.14
N CYS B 12 -19.18 6.59 13.31
CA CYS B 12 -19.26 5.87 14.58
C CYS B 12 -17.93 5.21 14.89
N VAL B 13 -17.22 4.72 13.87
CA VAL B 13 -15.90 4.13 14.07
C VAL B 13 -14.80 5.17 14.26
N GLU B 14 -14.87 6.32 13.56
CA GLU B 14 -13.86 7.39 13.70
C GLU B 14 -13.69 7.79 15.15
N ARG B 15 -14.80 7.88 15.87
CA ARG B 15 -14.73 8.28 17.27
C ARG B 15 -14.01 7.28 18.21
N CYS B 16 -13.95 5.99 17.82
CA CYS B 16 -13.18 4.97 18.55
C CYS B 16 -11.68 4.90 18.25
N VAL B 17 -11.19 5.62 17.26
CA VAL B 17 -9.77 5.47 16.86
C VAL B 17 -8.85 6.26 17.78
N VAL B 18 -7.69 5.69 18.14
CA VAL B 18 -6.70 6.38 19.00
C VAL B 18 -5.28 6.08 18.53
N ARG B 19 -4.37 6.98 18.89
CA ARG B 19 -2.94 6.85 18.59
C ARG B 19 -2.34 6.03 19.72
N VAL B 20 -1.50 5.05 19.41
CA VAL B 20 -0.91 4.20 20.43
C VAL B 20 0.55 4.27 20.19
N CYS B 21 1.29 4.79 21.15
CA CYS B 21 2.72 4.82 21.04
C CYS B 21 3.28 3.80 22.04
N TYR B 22 4.42 3.20 21.71
CA TYR B 22 5.27 2.46 22.66
C TYR B 22 6.72 2.70 22.27
N GLY B 23 7.39 3.48 23.10
CA GLY B 23 8.76 3.89 22.81
C GLY B 23 8.64 4.90 21.71
N SER B 24 9.32 4.64 20.60
CA SER B 24 9.21 5.44 19.38
C SER B 24 8.19 4.88 18.35
N THR B 25 7.75 3.62 18.51
CA THR B 25 6.78 3.01 17.59
C THR B 25 5.33 3.53 17.73
N VAL B 26 4.77 4.03 16.64
CA VAL B 26 3.40 4.53 16.63
C VAL B 26 2.47 3.75 15.69
N LEU B 27 1.25 3.51 16.16
CA LEU B 27 0.21 2.97 15.34
C LEU B 27 -1.17 3.26 15.93
N ASN B 28 -2.20 2.60 15.44
CA ASN B 28 -3.57 2.93 15.75
C ASN B 28 -4.20 1.88 16.71
N GLY B 29 -5.05 2.36 17.61
CA GLY B 29 -5.85 1.50 18.45
C GLY B 29 -7.30 1.74 18.15
N VAL B 30 -8.14 0.78 18.50
CA VAL B 30 -9.59 0.99 18.59
C VAL B 30 -10.00 0.94 20.07
N TRP B 31 -10.67 2.00 20.53
CA TRP B 31 -11.01 2.23 21.92
C TRP B 31 -12.49 1.99 22.06
N LEU B 32 -12.86 0.83 22.64
CA LEU B 32 -14.26 0.48 22.96
C LEU B 32 -14.34 0.21 24.46
N GLY B 33 -15.40 0.73 25.13
CA GLY B 33 -15.43 0.78 26.58
C GLY B 33 -14.11 1.36 27.08
N ASP B 34 -13.49 0.67 28.04
CA ASP B 34 -12.20 1.11 28.63
C ASP B 34 -10.99 0.31 28.12
N THR B 35 -11.18 -0.34 26.96
CA THR B 35 -10.14 -1.10 26.30
C THR B 35 -9.76 -0.47 24.98
N VAL B 36 -8.46 -0.28 24.79
CA VAL B 36 -7.84 0.03 23.50
C VAL B 36 -7.20 -1.26 22.93
N THR B 37 -7.89 -1.89 21.95
CA THR B 37 -7.34 -2.99 21.19
C THR B 37 -6.37 -2.43 20.13
N CYS B 38 -5.21 -3.06 19.99
CA CYS B 38 -4.23 -2.62 19.01
C CYS B 38 -3.29 -3.76 18.64
N PRO B 39 -2.61 -3.68 17.48
CA PRO B 39 -1.69 -4.75 17.11
C PRO B 39 -0.53 -4.87 18.10
N ARG B 40 -0.14 -6.10 18.39
CA ARG B 40 0.84 -6.34 19.43
C ARG B 40 2.22 -5.99 19.04
N HIS B 41 2.47 -5.84 17.75
CA HIS B 41 3.83 -5.56 17.38
C HIS B 41 4.25 -4.15 17.73
N VAL B 42 3.33 -3.34 18.27
CA VAL B 42 3.69 -2.05 18.82
C VAL B 42 4.85 -2.13 19.83
N ILE B 43 4.88 -3.21 20.61
CA ILE B 43 5.96 -3.44 21.58
C ILE B 43 7.16 -4.19 21.00
N ALA B 44 7.15 -4.49 19.70
CA ALA B 44 8.19 -5.33 19.15
C ALA B 44 9.48 -4.55 19.27
N PRO B 45 10.57 -5.22 19.53
CA PRO B 45 11.86 -4.56 19.61
C PRO B 45 12.41 -4.05 18.29
N SER B 46 12.26 -4.83 17.24
CA SER B 46 12.81 -4.44 15.95
C SER B 46 12.00 -5.01 14.83
N THR B 47 12.10 -4.37 13.67
CA THR B 47 11.45 -4.86 12.47
C THR B 47 12.01 -6.12 11.78
N THR B 48 13.33 -6.23 11.65
CA THR B 48 13.97 -7.33 10.91
C THR B 48 14.05 -8.81 11.31
N VAL B 49 14.42 -9.07 12.56
CA VAL B 49 14.62 -10.44 13.07
C VAL B 49 13.34 -10.96 13.68
N LEU B 50 13.25 -12.26 13.92
CA LEU B 50 12.10 -12.89 14.53
C LEU B 50 11.93 -12.33 15.90
N ILE B 51 10.70 -12.10 16.28
CA ILE B 51 10.36 -11.48 17.54
C ILE B 51 9.89 -12.49 18.58
N ASP B 52 10.53 -12.44 19.73
CA ASP B 52 10.03 -13.15 20.92
C ASP B 52 8.93 -12.31 21.59
N TYR B 53 7.66 -12.58 21.24
CA TYR B 53 6.54 -11.84 21.83
C TYR B 53 6.39 -12.12 23.31
N ASP B 54 6.48 -13.39 23.71
CA ASP B 54 6.59 -13.80 25.14
C ASP B 54 7.52 -12.88 25.93
N HIS B 55 8.72 -12.69 25.41
CA HIS B 55 9.75 -11.89 26.08
C HIS B 55 9.46 -10.45 26.00
N ALA B 56 9.02 -9.96 24.84
CA ALA B 56 8.68 -8.54 24.69
C ALA B 56 7.59 -8.15 25.69
N TYR B 57 6.62 -9.06 25.88
CA TYR B 57 5.47 -8.81 26.73
C TYR B 57 5.87 -8.80 28.18
N SER B 58 6.68 -9.78 28.54
CA SER B 58 7.16 -9.93 29.94
C SER B 58 8.05 -8.78 30.33
N THR B 59 8.84 -8.27 29.42
CA THR B 59 9.67 -7.07 29.68
C THR B 59 8.99 -5.75 29.35
N MET B 60 7.72 -5.80 28.95
CA MET B 60 7.04 -4.59 28.53
C MET B 60 6.72 -3.77 29.77
N ARG B 61 7.14 -2.51 29.78
CA ARG B 61 6.82 -1.59 30.88
C ARG B 61 5.81 -0.51 30.50
N LEU B 62 4.74 -0.42 31.31
CA LEU B 62 3.62 0.48 31.05
C LEU B 62 4.02 1.94 30.85
N HIS B 63 5.08 2.38 31.52
CA HIS B 63 5.55 3.77 31.40
C HIS B 63 6.02 4.20 29.99
N ASN B 64 6.23 3.28 29.05
CA ASN B 64 6.56 3.64 27.65
C ASN B 64 5.33 3.74 26.72
N PHE B 65 4.17 3.25 27.16
CA PHE B 65 2.96 3.48 26.40
C PHE B 65 2.58 4.96 26.46
N SER B 66 2.04 5.46 25.36
CA SER B 66 1.41 6.75 25.33
C SER B 66 0.18 6.56 24.39
N VAL B 67 -1.02 6.60 24.95
CA VAL B 67 -2.27 6.38 24.22
C VAL B 67 -3.09 7.67 24.19
N SER B 68 -3.00 8.44 23.10
CA SER B 68 -3.71 9.72 22.95
C SER B 68 -4.99 9.59 22.12
N HIS B 69 -5.70 10.69 21.89
CA HIS B 69 -6.92 10.70 21.07
C HIS B 69 -7.36 12.15 20.80
N ASN B 70 -6.95 12.65 19.65
CA ASN B 70 -6.96 14.06 19.34
C ASN B 70 -6.14 14.84 20.34
N GLY B 71 -4.97 14.30 20.68
CA GLY B 71 -4.03 14.96 21.59
C GLY B 71 -4.39 14.83 23.05
N VAL B 72 -5.66 14.52 23.36
CA VAL B 72 -6.13 14.25 24.74
C VAL B 72 -5.54 12.92 25.20
N PHE B 73 -5.06 12.86 26.43
CA PHE B 73 -4.45 11.64 26.93
CA PHE B 73 -4.46 11.55 26.89
C PHE B 73 -5.40 10.69 27.61
N LEU B 74 -5.21 9.41 27.31
CA LEU B 74 -5.76 8.32 28.10
C LEU B 74 -4.62 7.81 28.97
N GLY B 75 -4.96 7.34 30.17
CA GLY B 75 -3.99 6.74 31.08
C GLY B 75 -4.07 5.23 30.98
N VAL B 76 -2.89 4.60 30.86
CA VAL B 76 -2.79 3.15 30.73
C VAL B 76 -2.84 2.50 32.11
N VAL B 77 -3.85 1.66 32.33
CA VAL B 77 -3.99 0.92 33.58
C VAL B 77 -3.22 -0.42 33.49
N GLY B 78 -3.53 -1.23 32.48
CA GLY B 78 -2.84 -2.51 32.29
C GLY B 78 -2.90 -2.98 30.84
N VAL B 79 -2.12 -4.04 30.54
CA VAL B 79 -2.03 -4.58 29.16
C VAL B 79 -2.00 -6.10 29.16
N THR B 80 -3.04 -6.74 28.65
CA THR B 80 -2.96 -8.14 28.30
C THR B 80 -2.60 -8.31 26.79
N MET B 81 -2.14 -9.50 26.41
CA MET B 81 -1.85 -9.81 25.02
C MET B 81 -2.71 -10.95 24.58
N HIS B 82 -3.41 -10.81 23.46
CA HIS B 82 -4.29 -11.89 22.94
C HIS B 82 -4.01 -12.13 21.46
N GLY B 83 -3.50 -13.33 21.11
CA GLY B 83 -2.98 -13.57 19.77
C GLY B 83 -2.07 -12.43 19.34
N SER B 84 -2.34 -11.86 18.16
CA SER B 84 -1.53 -10.76 17.60
C SER B 84 -1.90 -9.35 18.10
N VAL B 85 -2.79 -9.23 19.09
CA VAL B 85 -3.20 -7.92 19.63
C VAL B 85 -2.87 -7.72 21.13
N LEU B 86 -2.74 -6.47 21.53
CA LEU B 86 -2.84 -6.03 22.93
C LEU B 86 -4.25 -5.54 23.23
N ARG B 87 -4.72 -5.84 24.44
CA ARG B 87 -5.86 -5.15 25.02
C ARG B 87 -5.26 -4.25 26.10
N ILE B 88 -5.09 -2.97 25.74
CA ILE B 88 -4.65 -1.95 26.66
C ILE B 88 -5.86 -1.43 27.43
N LYS B 89 -5.87 -1.72 28.75
CA LYS B 89 -6.85 -1.20 29.71
C LYS B 89 -6.52 0.26 30.03
N VAL B 90 -7.53 1.13 30.02
CA VAL B 90 -7.31 2.57 30.20
C VAL B 90 -8.27 3.17 31.20
N SER B 91 -7.90 4.34 31.73
CA SER B 91 -8.66 5.02 32.81
C SER B 91 -10.07 5.46 32.40
N GLN B 92 -10.22 6.17 31.27
CA GLN B 92 -11.54 6.61 30.82
C GLN B 92 -12.24 5.56 29.97
N SER B 93 -13.55 5.48 30.11
CA SER B 93 -14.37 4.77 29.15
C SER B 93 -14.67 5.69 27.93
N ASN B 94 -14.50 5.17 26.71
CA ASN B 94 -14.91 5.87 25.48
C ASN B 94 -16.42 6.12 25.54
N VAL B 95 -16.77 7.37 25.78
CA VAL B 95 -18.15 7.79 25.81
C VAL B 95 -18.87 7.59 24.46
N HIS B 96 -18.11 7.68 23.35
CA HIS B 96 -18.65 7.49 22.01
C HIS B 96 -18.67 6.03 21.50
N THR B 97 -18.39 5.05 22.38
CA THR B 97 -18.42 3.62 22.03
C THR B 97 -19.76 3.19 21.46
N PRO B 98 -19.84 2.81 20.18
CA PRO B 98 -21.14 2.40 19.64
C PRO B 98 -21.57 1.01 20.06
N LYS B 99 -22.84 0.71 19.87
CA LYS B 99 -23.35 -0.61 20.10
C LYS B 99 -22.60 -1.49 19.14
N HIS B 100 -21.75 -2.38 19.68
CA HIS B 100 -20.90 -3.24 18.86
C HIS B 100 -20.75 -4.69 19.29
N VAL B 101 -20.41 -5.53 18.33
CA VAL B 101 -20.02 -6.93 18.55
C VAL B 101 -18.75 -7.17 17.71
N PHE B 102 -17.91 -8.12 18.15
CA PHE B 102 -16.76 -8.58 17.38
C PHE B 102 -17.17 -9.77 16.56
N LYS B 103 -16.91 -9.74 15.26
CA LYS B 103 -17.25 -10.87 14.41
C LYS B 103 -16.05 -11.19 13.51
N THR B 104 -15.90 -12.46 13.12
CA THR B 104 -14.75 -12.90 12.31
C THR B 104 -15.18 -13.13 10.83
N LEU B 105 -14.55 -12.45 9.89
CA LEU B 105 -14.91 -12.56 8.49
C LEU B 105 -14.51 -13.91 7.89
N LYS B 106 -15.33 -14.41 6.95
CA LYS B 106 -15.05 -15.59 6.11
C LYS B 106 -14.73 -15.10 4.72
N PRO B 107 -13.92 -15.84 3.97
CA PRO B 107 -13.63 -15.33 2.62
C PRO B 107 -14.90 -15.17 1.79
N GLY B 108 -14.97 -14.15 0.94
CA GLY B 108 -16.22 -13.76 0.24
C GLY B 108 -16.93 -12.56 0.90
N ASP B 109 -16.85 -12.48 2.24
CA ASP B 109 -17.40 -11.39 3.01
C ASP B 109 -16.77 -10.06 2.62
N SER B 110 -17.62 -9.04 2.54
CA SER B 110 -17.14 -7.69 2.31
C SER B 110 -17.24 -6.88 3.60
N PHE B 111 -16.33 -5.92 3.75
CA PHE B 111 -16.32 -5.07 4.91
C PHE B 111 -15.78 -3.70 4.55
N ASN B 112 -15.48 -2.89 5.54
CA ASN B 112 -15.07 -1.52 5.33
C ASN B 112 -13.79 -1.32 6.11
N ILE B 113 -12.77 -0.76 5.47
CA ILE B 113 -11.56 -0.38 6.16
C ILE B 113 -11.63 1.12 6.35
N LEU B 114 -11.27 1.55 7.57
CA LEU B 114 -10.93 2.92 7.87
C LEU B 114 -9.43 3.02 8.05
N ALA B 115 -8.74 3.53 7.05
CA ALA B 115 -7.29 3.68 7.08
C ALA B 115 -6.93 4.86 7.95
N CYS B 116 -6.22 4.59 9.05
CA CYS B 116 -5.85 5.63 10.02
C CYS B 116 -4.34 5.72 10.12
N TYR B 117 -3.86 6.91 10.49
CA TYR B 117 -2.45 7.15 10.76
C TYR B 117 -2.38 8.06 11.98
N GLU B 118 -1.47 7.77 12.91
CA GLU B 118 -1.32 8.55 14.15
C GLU B 118 -2.68 8.72 14.89
N GLY B 119 -3.50 7.68 14.85
CA GLY B 119 -4.78 7.74 15.53
C GLY B 119 -5.83 8.64 14.93
N ILE B 120 -5.63 8.99 13.64
CA ILE B 120 -6.54 9.84 12.86
C ILE B 120 -6.93 9.14 11.55
N ALA B 121 -8.23 8.92 11.38
CA ALA B 121 -8.75 8.36 10.15
C ALA B 121 -8.42 9.31 9.02
N SER B 122 -7.86 8.76 7.97
CA SER B 122 -7.58 9.55 6.78
C SER B 122 -8.31 9.07 5.54
N GLY B 123 -8.70 7.81 5.47
CA GLY B 123 -9.51 7.32 4.37
C GLY B 123 -10.43 6.22 4.78
N VAL B 124 -11.42 5.91 3.93
CA VAL B 124 -12.34 4.83 4.20
C VAL B 124 -12.72 4.17 2.91
N PHE B 125 -12.76 2.84 2.88
CA PHE B 125 -13.07 2.17 1.62
C PHE B 125 -13.56 0.76 1.87
N GLY B 126 -14.36 0.25 0.94
CA GLY B 126 -14.85 -1.11 0.99
C GLY B 126 -13.90 -2.10 0.33
N VAL B 127 -13.96 -3.31 0.85
CA VAL B 127 -13.06 -4.31 0.41
C VAL B 127 -13.66 -5.68 0.69
N ASN B 128 -13.22 -6.69 -0.06
CA ASN B 128 -13.66 -8.05 0.15
C ASN B 128 -12.54 -8.84 0.77
N LEU B 129 -12.87 -9.71 1.73
CA LEU B 129 -11.89 -10.69 2.22
C LEU B 129 -11.77 -11.81 1.19
N ARG B 130 -10.59 -11.98 0.65
CA ARG B 130 -10.34 -12.88 -0.47
C ARG B 130 -10.14 -14.30 -0.03
N THR B 131 -10.25 -15.23 -0.99
CA THR B 131 -10.06 -16.66 -0.72
C THR B 131 -8.79 -17.00 0.05
N ASN B 132 -7.71 -16.24 -0.20
CA ASN B 132 -6.38 -16.43 0.46
C ASN B 132 -6.23 -15.64 1.77
N PHE B 133 -7.36 -15.12 2.29
CA PHE B 133 -7.46 -14.39 3.56
C PHE B 133 -6.75 -13.07 3.59
N THR B 134 -6.42 -12.55 2.41
CA THR B 134 -5.82 -11.23 2.32
C THR B 134 -6.86 -10.25 1.86
N ILE B 135 -6.49 -8.98 1.85
CA ILE B 135 -7.27 -7.97 1.11
C ILE B 135 -6.33 -7.13 0.30
N LYS B 136 -6.87 -6.43 -0.70
CA LYS B 136 -6.10 -5.46 -1.48
C LYS B 136 -6.54 -4.13 -0.98
N GLY B 137 -5.66 -3.46 -0.26
CA GLY B 137 -5.96 -2.20 0.38
C GLY B 137 -4.97 -1.16 -0.06
N SER B 138 -5.07 0.03 0.49
CA SER B 138 -3.98 0.96 0.39
C SER B 138 -3.60 1.32 1.84
N PHE B 139 -2.35 1.01 2.17
CA PHE B 139 -1.78 1.26 3.46
C PHE B 139 -0.30 1.59 3.30
N ILE B 140 0.15 2.59 4.04
CA ILE B 140 1.56 2.90 4.11
C ILE B 140 1.95 2.82 5.58
N ASN B 141 3.23 3.10 5.87
CA ASN B 141 3.73 3.12 7.24
C ASN B 141 2.84 3.87 8.20
N GLY B 142 2.49 3.21 9.31
CA GLY B 142 1.65 3.76 10.36
C GLY B 142 0.17 3.38 10.30
N ALA B 143 -0.16 2.52 9.34
CA ALA B 143 -1.52 2.13 9.10
C ALA B 143 -1.94 0.96 9.94
N CYS B 144 -1.03 0.30 10.65
CA CYS B 144 -1.43 -0.84 11.48
C CYS B 144 -2.35 -0.38 12.57
N GLY B 145 -3.38 -1.16 12.83
CA GLY B 145 -4.36 -0.78 13.79
C GLY B 145 -5.63 -0.25 13.17
N SER B 146 -5.55 0.10 11.88
CA SER B 146 -6.69 0.58 11.11
C SER B 146 -7.77 -0.44 11.24
N PRO B 147 -8.95 -0.02 11.70
CA PRO B 147 -9.96 -1.03 11.93
C PRO B 147 -10.74 -1.29 10.69
N GLY B 148 -11.33 -2.46 10.62
CA GLY B 148 -12.30 -2.78 9.58
C GLY B 148 -13.58 -3.22 10.26
N TYR B 149 -14.71 -2.97 9.62
CA TYR B 149 -15.97 -3.11 10.29
C TYR B 149 -17.13 -3.29 9.33
N ASN B 150 -18.26 -3.76 9.86
CA ASN B 150 -19.55 -3.62 9.17
C ASN B 150 -20.52 -2.97 10.11
N VAL B 151 -21.60 -2.46 9.55
CA VAL B 151 -22.63 -1.83 10.35
C VAL B 151 -23.95 -2.46 9.91
N ARG B 152 -24.65 -3.05 10.87
CA ARG B 152 -25.88 -3.74 10.59
C ARG B 152 -27.00 -2.72 10.64
N ASN B 153 -28.20 -3.14 10.22
CA ASN B 153 -29.36 -2.22 10.15
C ASN B 153 -29.70 -1.56 11.47
N ASP B 154 -29.64 -2.33 12.54
CA ASP B 154 -29.80 -1.79 13.91
C ASP B 154 -28.71 -0.81 14.37
N GLY B 155 -27.79 -0.43 13.48
CA GLY B 155 -26.73 0.53 13.79
C GLY B 155 -25.57 -0.13 14.52
N THR B 156 -25.59 -1.48 14.59
CA THR B 156 -24.59 -2.22 15.34
C THR B 156 -23.33 -2.41 14.52
N VAL B 157 -22.23 -1.96 15.10
CA VAL B 157 -20.92 -2.04 14.47
C VAL B 157 -20.34 -3.43 14.75
N GLU B 158 -20.07 -4.20 13.71
CA GLU B 158 -19.29 -5.43 13.80
C GLU B 158 -17.82 -5.04 13.57
N PHE B 159 -17.04 -5.00 14.63
CA PHE B 159 -15.59 -4.83 14.45
C PHE B 159 -14.92 -6.16 14.07
N CYS B 160 -14.37 -6.24 12.87
CA CYS B 160 -13.90 -7.53 12.31
C CYS B 160 -12.47 -7.60 11.71
N TYR B 161 -11.69 -6.52 11.80
CA TYR B 161 -10.37 -6.51 11.22
C TYR B 161 -9.51 -5.47 11.87
N LEU B 162 -8.24 -5.76 12.02
CA LEU B 162 -7.27 -4.82 12.52
C LEU B 162 -6.02 -4.92 11.69
N HIS B 163 -5.62 -3.87 11.01
CA HIS B 163 -4.55 -4.02 10.07
C HIS B 163 -3.25 -4.38 10.75
N GLN B 164 -2.56 -5.42 10.22
CA GLN B 164 -1.30 -5.90 10.82
C GLN B 164 -0.09 -5.83 9.90
N ILE B 165 -0.18 -6.42 8.71
CA ILE B 165 1.01 -6.59 7.85
C ILE B 165 0.70 -6.48 6.36
N GLU B 166 1.73 -6.18 5.59
CA GLU B 166 1.70 -6.26 4.11
C GLU B 166 2.69 -7.33 3.67
N LEU B 167 2.19 -8.30 2.89
CA LEU B 167 3.02 -9.38 2.38
C LEU B 167 3.95 -8.89 1.25
N GLY B 168 4.80 -9.78 0.74
CA GLY B 168 5.78 -9.43 -0.25
C GLY B 168 5.08 -8.94 -1.51
N SER B 169 3.97 -9.61 -1.83
CA SER B 169 3.12 -9.23 -2.98
C SER B 169 2.38 -7.88 -2.90
N GLY B 170 2.33 -7.24 -1.74
CA GLY B 170 1.44 -6.07 -1.51
C GLY B 170 0.04 -6.36 -0.95
N ALA B 171 -0.35 -7.64 -0.92
CA ALA B 171 -1.53 -8.07 -0.17
C ALA B 171 -1.44 -7.77 1.34
N HIS B 172 -2.61 -7.49 1.91
CA HIS B 172 -2.74 -6.95 3.26
C HIS B 172 -3.43 -7.94 4.17
N VAL B 173 -2.83 -8.11 5.34
CA VAL B 173 -3.32 -9.03 6.35
C VAL B 173 -3.58 -8.28 7.64
N GLY B 174 -4.67 -8.69 8.29
CA GLY B 174 -5.00 -8.25 9.63
C GLY B 174 -5.53 -9.38 10.50
N SER B 175 -5.78 -9.06 11.75
CA SER B 175 -6.39 -10.00 12.66
C SER B 175 -7.76 -9.48 12.95
N ASP B 176 -8.57 -10.38 13.49
CA ASP B 176 -9.85 -10.03 14.07
C ASP B 176 -9.58 -9.51 15.49
N PHE B 177 -10.63 -9.19 16.24
CA PHE B 177 -10.40 -8.48 17.49
C PHE B 177 -9.96 -9.34 18.64
N THR B 178 -10.00 -10.66 18.44
CA THR B 178 -9.57 -11.65 19.41
C THR B 178 -8.08 -11.90 19.28
N GLY B 179 -7.51 -11.45 18.17
CA GLY B 179 -6.09 -11.57 17.94
C GLY B 179 -5.75 -12.53 16.81
N SER B 180 -6.68 -13.40 16.41
CA SER B 180 -6.38 -14.40 15.39
C SER B 180 -6.19 -13.68 14.09
N VAL B 181 -5.01 -13.90 13.51
CA VAL B 181 -4.67 -13.34 12.22
C VAL B 181 -5.45 -14.06 11.14
N TYR B 182 -6.00 -13.32 10.21
CA TYR B 182 -6.78 -13.93 9.12
C TYR B 182 -5.90 -14.85 8.28
N GLY B 183 -6.41 -16.06 8.00
CA GLY B 183 -5.64 -17.08 7.26
C GLY B 183 -4.43 -17.67 7.97
N ASN B 184 -4.35 -17.49 9.27
CA ASN B 184 -3.24 -18.02 10.02
C ASN B 184 -1.85 -17.54 9.53
N PHE B 185 -1.74 -16.33 9.04
CA PHE B 185 -0.43 -15.72 8.79
C PHE B 185 0.13 -15.41 10.17
N ASP B 186 1.38 -15.00 10.22
CA ASP B 186 2.05 -14.65 11.45
C ASP B 186 2.34 -13.18 11.42
N ASP B 187 2.28 -12.54 12.57
CA ASP B 187 2.70 -11.13 12.70
C ASP B 187 4.18 -11.11 13.06
N GLN B 188 4.97 -11.78 12.22
CA GLN B 188 6.41 -11.82 12.31
C GLN B 188 6.92 -11.33 10.96
N PRO B 189 8.18 -10.89 10.93
CA PRO B 189 8.71 -10.45 9.68
C PRO B 189 9.43 -11.66 9.11
N SER B 190 8.66 -12.69 8.79
CA SER B 190 9.20 -13.90 8.22
C SER B 190 8.74 -13.90 6.77
N LEU B 191 9.18 -14.93 6.06
CA LEU B 191 8.86 -15.05 4.65
C LEU B 191 7.57 -15.84 4.63
N GLN B 192 6.49 -15.18 4.19
CA GLN B 192 5.19 -15.81 4.07
C GLN B 192 4.57 -15.34 2.80
N VAL B 193 3.96 -16.31 2.14
CA VAL B 193 3.30 -16.05 0.89
C VAL B 193 1.88 -16.46 1.12
N GLU B 194 1.00 -15.90 0.30
CA GLU B 194 -0.41 -16.13 0.38
C GLU B 194 -0.68 -17.23 -0.62
N SER B 195 -1.74 -18.00 -0.36
CA SER B 195 -2.28 -18.93 -1.36
C SER B 195 -2.95 -18.17 -2.50
N ALA B 196 -3.41 -18.91 -3.48
CA ALA B 196 -3.86 -18.26 -4.68
C ALA B 196 -5.18 -17.56 -4.45
N ASN B 197 -5.22 -16.35 -4.99
CA ASN B 197 -6.44 -15.56 -4.98
C ASN B 197 -7.42 -15.97 -6.09
N LEU B 198 -8.55 -16.53 -5.70
CA LEU B 198 -9.64 -16.88 -6.66
C LEU B 198 -10.63 -15.75 -6.91
N MET B 199 -11.29 -15.85 -8.05
CA MET B 199 -12.37 -14.96 -8.42
C MET B 199 -13.56 -15.43 -7.67
N LEU B 200 -14.20 -14.53 -6.97
CA LEU B 200 -15.32 -14.87 -6.11
C LEU B 200 -16.54 -15.01 -6.98
N SER B 201 -16.87 -16.24 -7.38
CA SER B 201 -17.89 -16.49 -8.42
C SER B 201 -19.28 -15.93 -8.07
N ASP B 202 -19.71 -16.11 -6.84
CA ASP B 202 -20.91 -15.48 -6.33
C ASP B 202 -21.01 -13.97 -6.60
N ASN B 203 -19.94 -13.24 -6.31
CA ASN B 203 -19.88 -11.79 -6.55
C ASN B 203 -19.91 -11.49 -8.04
N VAL B 204 -19.29 -12.33 -8.84
CA VAL B 204 -19.32 -12.14 -10.28
C VAL B 204 -20.73 -12.32 -10.78
N VAL B 205 -21.46 -13.27 -10.20
CA VAL B 205 -22.83 -13.56 -10.63
C VAL B 205 -23.76 -12.39 -10.29
N ALA B 206 -23.73 -11.95 -9.03
CA ALA B 206 -24.37 -10.72 -8.58
C ALA B 206 -24.06 -9.52 -9.47
N PHE B 207 -22.82 -9.39 -9.88
CA PHE B 207 -22.37 -8.27 -10.75
C PHE B 207 -23.09 -8.31 -12.07
N LEU B 208 -23.20 -9.49 -12.66
CA LEU B 208 -23.78 -9.62 -13.97
C LEU B 208 -25.31 -9.37 -13.91
N TYR B 209 -25.96 -9.82 -12.84
CA TYR B 209 -27.33 -9.38 -12.55
C TYR B 209 -27.47 -7.88 -12.47
N ALA B 210 -26.55 -7.22 -11.79
CA ALA B 210 -26.56 -5.76 -11.73
C ALA B 210 -26.47 -5.16 -13.12
N ALA B 211 -25.60 -5.74 -13.93
CA ALA B 211 -25.36 -5.28 -15.28
C ALA B 211 -26.63 -5.37 -16.11
N LEU B 212 -27.34 -6.50 -16.01
CA LEU B 212 -28.65 -6.66 -16.69
C LEU B 212 -29.63 -5.56 -16.27
N LEU B 213 -29.88 -5.49 -14.97
CA LEU B 213 -30.77 -4.52 -14.38
C LEU B 213 -30.37 -3.07 -14.64
N ASN B 214 -29.13 -2.81 -15.04
CA ASN B 214 -28.68 -1.46 -15.48
C ASN B 214 -28.62 -1.42 -17.03
N GLY B 215 -29.46 -2.23 -17.67
CA GLY B 215 -29.50 -2.32 -19.13
C GLY B 215 -28.23 -2.64 -19.88
N CYS B 216 -27.39 -3.49 -19.28
CA CYS B 216 -26.15 -3.89 -19.94
C CYS B 216 -26.26 -5.39 -20.19
N ARG B 217 -26.44 -5.75 -21.46
CA ARG B 217 -26.81 -7.11 -21.84
C ARG B 217 -26.08 -7.72 -23.07
N TRP B 218 -25.24 -6.95 -23.78
CA TRP B 218 -24.46 -7.45 -24.94
C TRP B 218 -23.78 -8.80 -24.69
N TRP B 219 -23.21 -8.93 -23.51
CA TRP B 219 -22.43 -10.09 -23.05
C TRP B 219 -23.25 -11.37 -22.76
N LEU B 220 -24.58 -11.28 -22.76
CA LEU B 220 -25.41 -12.37 -22.23
C LEU B 220 -25.43 -13.52 -23.19
N CYS B 221 -25.14 -14.73 -22.71
CA CYS B 221 -25.13 -15.93 -23.57
C CYS B 221 -26.45 -16.68 -23.45
N SER B 222 -26.80 -17.36 -24.55
CA SER B 222 -27.98 -18.21 -24.58
C SER B 222 -27.70 -19.62 -24.02
N THR B 223 -26.43 -19.98 -23.84
CA THR B 223 -26.05 -21.20 -23.15
C THR B 223 -26.53 -21.18 -21.68
N ARG B 224 -26.85 -22.36 -21.16
CA ARG B 224 -27.04 -22.60 -19.72
C ARG B 224 -25.94 -23.57 -19.27
N VAL B 225 -25.54 -23.49 -18.01
CA VAL B 225 -24.66 -24.49 -17.36
C VAL B 225 -25.13 -24.68 -15.93
N ASN B 226 -25.17 -25.91 -15.42
CA ASN B 226 -25.68 -26.10 -14.06
C ASN B 226 -24.53 -25.89 -13.08
N VAL B 227 -24.86 -25.80 -11.81
CA VAL B 227 -23.89 -25.46 -10.74
C VAL B 227 -22.68 -26.41 -10.74
N ASP B 228 -22.92 -27.72 -10.77
CA ASP B 228 -21.85 -28.74 -10.67
C ASP B 228 -20.89 -28.63 -11.85
N GLY B 229 -21.44 -28.40 -13.06
CA GLY B 229 -20.64 -28.17 -14.27
C GLY B 229 -19.78 -26.91 -14.24
N PHE B 230 -20.34 -25.85 -13.65
CA PHE B 230 -19.61 -24.61 -13.46
C PHE B 230 -18.49 -24.85 -12.44
N ASN B 231 -18.86 -25.33 -11.26
CA ASN B 231 -17.90 -25.48 -10.14
C ASN B 231 -16.64 -26.27 -10.58
N GLU B 232 -16.85 -27.29 -11.39
CA GLU B 232 -15.76 -28.08 -11.93
C GLU B 232 -14.92 -27.25 -12.89
N TRP B 233 -15.58 -26.45 -13.72
CA TRP B 233 -14.87 -25.51 -14.61
C TRP B 233 -14.06 -24.45 -13.84
N ALA B 234 -14.62 -24.02 -12.70
CA ALA B 234 -14.07 -22.94 -11.91
C ALA B 234 -12.72 -23.30 -11.34
N MET B 235 -12.64 -24.47 -10.69
CA MET B 235 -11.37 -24.99 -10.14
C MET B 235 -10.30 -24.85 -11.16
N ALA B 236 -10.56 -25.41 -12.34
CA ALA B 236 -9.61 -25.39 -13.43
C ALA B 236 -9.17 -23.97 -13.84
N ASN B 237 -10.05 -22.97 -13.67
CA ASN B 237 -9.83 -21.59 -14.22
C ASN B 237 -9.69 -20.41 -13.26
N GLY B 238 -9.75 -20.66 -11.96
CA GLY B 238 -9.32 -19.65 -10.96
C GLY B 238 -10.47 -18.87 -10.35
N TYR B 239 -11.57 -19.60 -10.14
CA TYR B 239 -12.83 -19.11 -9.65
C TYR B 239 -13.24 -20.01 -8.50
N THR B 240 -14.04 -19.46 -7.61
CA THR B 240 -14.60 -20.22 -6.50
C THR B 240 -15.79 -20.99 -7.02
N SER B 241 -16.29 -21.91 -6.19
CA SER B 241 -17.58 -22.55 -6.41
C SER B 241 -18.66 -21.50 -6.30
N VAL B 242 -19.82 -21.80 -6.87
CA VAL B 242 -20.98 -20.94 -6.76
C VAL B 242 -21.94 -21.55 -5.74
N SER B 243 -22.54 -20.70 -4.91
CA SER B 243 -23.44 -21.12 -3.82
C SER B 243 -24.82 -21.42 -4.37
N SER B 244 -25.70 -21.94 -3.50
CA SER B 244 -27.06 -22.32 -3.90
C SER B 244 -27.72 -21.26 -4.86
N VAL B 245 -28.26 -21.71 -6.00
CA VAL B 245 -28.90 -20.79 -6.96
C VAL B 245 -30.15 -20.07 -6.42
N GLU B 246 -30.80 -20.66 -5.41
CA GLU B 246 -31.92 -20.01 -4.72
C GLU B 246 -31.57 -18.64 -4.11
N CYS B 247 -30.33 -18.46 -3.65
CA CYS B 247 -29.85 -17.18 -3.10
C CYS B 247 -30.16 -15.99 -4.02
N TYR B 248 -30.20 -16.24 -5.32
CA TYR B 248 -30.29 -15.21 -6.35
C TYR B 248 -31.70 -15.11 -6.95
N SER B 249 -32.71 -15.64 -6.25
CA SER B 249 -34.05 -15.77 -6.80
C SER B 249 -34.73 -14.41 -7.05
N ILE B 250 -34.52 -13.45 -6.13
CA ILE B 250 -35.01 -12.07 -6.31
C ILE B 250 -34.50 -11.49 -7.65
N LEU B 251 -33.21 -11.65 -7.94
CA LEU B 251 -32.62 -11.05 -9.15
C LEU B 251 -32.92 -11.90 -10.38
N ALA B 252 -33.08 -13.20 -10.18
CA ALA B 252 -33.52 -14.09 -11.27
C ALA B 252 -34.89 -13.68 -11.77
N ALA B 253 -35.79 -13.43 -10.82
CA ALA B 253 -37.14 -12.92 -11.08
C ALA B 253 -37.12 -11.58 -11.79
N LYS B 254 -36.54 -10.55 -11.17
CA LYS B 254 -36.57 -9.18 -11.70
C LYS B 254 -35.99 -9.05 -13.12
N THR B 255 -35.03 -9.89 -13.51
CA THR B 255 -34.43 -9.88 -14.86
C THR B 255 -34.98 -10.98 -15.79
N GLY B 256 -35.51 -12.05 -15.20
CA GLY B 256 -35.92 -13.24 -15.95
C GLY B 256 -34.75 -14.02 -16.53
N VAL B 257 -33.56 -13.87 -15.95
CA VAL B 257 -32.35 -14.61 -16.36
C VAL B 257 -31.87 -15.47 -15.19
N SER B 258 -31.55 -16.73 -15.46
CA SER B 258 -31.21 -17.69 -14.40
C SER B 258 -29.71 -17.68 -14.15
N VAL B 259 -29.37 -18.07 -12.92
CA VAL B 259 -27.98 -18.19 -12.46
C VAL B 259 -27.25 -18.96 -13.54
N GLU B 260 -27.85 -20.10 -13.90
CA GLU B 260 -27.30 -21.06 -14.84
C GLU B 260 -26.86 -20.39 -16.16
N GLN B 261 -27.65 -19.44 -16.62
CA GLN B 261 -27.32 -18.71 -17.84
C GLN B 261 -26.17 -17.72 -17.65
N LEU B 262 -26.12 -17.14 -16.46
CA LEU B 262 -25.04 -16.26 -16.11
C LEU B 262 -23.70 -17.02 -15.96
N LEU B 263 -23.74 -18.21 -15.36
CA LEU B 263 -22.56 -19.07 -15.17
C LEU B 263 -21.97 -19.50 -16.51
N ALA B 264 -22.85 -19.74 -17.48
CA ALA B 264 -22.42 -19.97 -18.86
C ALA B 264 -21.81 -18.72 -19.47
N SER B 265 -22.44 -17.58 -19.24
CA SER B 265 -21.90 -16.30 -19.67
C SER B 265 -20.53 -15.98 -19.02
N ILE B 266 -20.36 -16.35 -17.74
CA ILE B 266 -19.07 -16.16 -17.08
C ILE B 266 -17.98 -16.89 -17.90
N GLN B 267 -18.26 -18.14 -18.28
CA GLN B 267 -17.26 -18.99 -18.97
C GLN B 267 -16.72 -18.33 -20.24
N HIS B 268 -17.61 -17.80 -21.05
CA HIS B 268 -17.21 -17.09 -22.27
C HIS B 268 -16.51 -15.78 -21.97
N LEU B 269 -16.98 -15.10 -20.92
CA LEU B 269 -16.45 -13.79 -20.58
C LEU B 269 -15.07 -13.87 -19.98
N HIS B 270 -14.79 -14.96 -19.25
CA HIS B 270 -13.43 -15.29 -18.76
C HIS B 270 -12.35 -15.00 -19.79
N GLU B 271 -12.64 -15.29 -21.06
CA GLU B 271 -11.72 -15.18 -22.20
C GLU B 271 -11.40 -13.73 -22.66
N GLY B 272 -12.08 -12.74 -22.08
CA GLY B 272 -11.82 -11.32 -22.39
C GLY B 272 -13.10 -10.67 -22.92
N PHE B 273 -13.19 -9.33 -22.83
CA PHE B 273 -14.39 -8.56 -23.22
C PHE B 273 -14.34 -7.98 -24.65
N GLY B 274 -13.21 -8.14 -25.35
CA GLY B 274 -13.04 -7.63 -26.71
C GLY B 274 -13.10 -6.11 -26.82
N GLY B 275 -12.52 -5.38 -25.86
CA GLY B 275 -12.55 -3.91 -25.88
C GLY B 275 -13.85 -3.25 -25.40
N LYS B 276 -14.94 -4.01 -25.32
CA LYS B 276 -16.19 -3.56 -24.70
C LYS B 276 -16.03 -3.54 -23.19
N ASN B 277 -17.06 -3.05 -22.51
CA ASN B 277 -17.08 -3.01 -21.05
C ASN B 277 -18.44 -3.49 -20.51
N ILE B 278 -18.50 -3.76 -19.22
CA ILE B 278 -19.73 -4.13 -18.50
C ILE B 278 -19.75 -3.20 -17.30
N LEU B 279 -20.71 -2.28 -17.29
CA LEU B 279 -20.78 -1.18 -16.30
C LEU B 279 -19.43 -0.46 -16.12
N GLY B 280 -18.71 -0.26 -17.22
CA GLY B 280 -17.38 0.36 -17.19
C GLY B 280 -16.17 -0.55 -17.03
N TYR B 281 -16.35 -1.76 -16.49
CA TYR B 281 -15.21 -2.64 -16.18
C TYR B 281 -14.84 -3.36 -17.46
N SER B 282 -13.56 -3.63 -17.66
CA SER B 282 -13.08 -4.22 -18.92
C SER B 282 -12.81 -5.72 -18.77
N SER B 283 -12.92 -6.24 -17.55
CA SER B 283 -12.94 -7.68 -17.30
C SER B 283 -14.02 -7.98 -16.28
N LEU B 284 -14.27 -9.25 -15.99
CA LEU B 284 -15.25 -9.57 -14.97
C LEU B 284 -14.81 -9.02 -13.63
N CYS B 285 -15.79 -8.52 -12.89
CA CYS B 285 -15.63 -7.88 -11.60
C CYS B 285 -16.27 -8.71 -10.49
N ASP B 286 -15.50 -9.04 -9.46
CA ASP B 286 -16.08 -9.70 -8.29
C ASP B 286 -16.04 -8.77 -7.05
N GLU B 287 -16.06 -7.44 -7.28
CA GLU B 287 -15.97 -6.46 -6.18
C GLU B 287 -17.21 -6.46 -5.25
N PHE B 288 -18.35 -6.88 -5.80
CA PHE B 288 -19.64 -6.70 -5.14
C PHE B 288 -20.31 -8.00 -4.79
N THR B 289 -20.69 -8.13 -3.50
CA THR B 289 -21.54 -9.21 -3.04
C THR B 289 -22.95 -9.07 -3.59
N LEU B 290 -23.69 -10.16 -3.45
CA LEU B 290 -25.10 -10.17 -3.79
C LEU B 290 -25.79 -9.12 -2.92
N ALA B 291 -25.54 -9.20 -1.63
CA ALA B 291 -26.10 -8.22 -0.69
C ALA B 291 -25.87 -6.78 -1.18
N GLU B 292 -24.65 -6.44 -1.56
CA GLU B 292 -24.33 -5.10 -2.04
C GLU B 292 -25.14 -4.72 -3.25
N VAL B 293 -25.31 -5.65 -4.18
CA VAL B 293 -26.09 -5.38 -5.39
C VAL B 293 -27.56 -5.17 -5.01
N VAL B 294 -28.11 -6.07 -4.21
CA VAL B 294 -29.49 -5.90 -3.76
C VAL B 294 -29.73 -4.56 -3.05
N LYS B 295 -28.88 -4.23 -2.07
CA LYS B 295 -28.96 -2.94 -1.35
C LYS B 295 -28.82 -1.72 -2.27
N GLN B 296 -27.84 -1.72 -3.16
CA GLN B 296 -27.55 -0.57 -4.04
C GLN B 296 -28.58 -0.32 -5.12
N MET B 297 -29.34 -1.35 -5.46
CA MET B 297 -30.31 -1.27 -6.55
C MET B 297 -31.74 -1.13 -6.04
N TYR B 298 -32.03 -1.69 -4.86
CA TYR B 298 -33.38 -1.75 -4.32
C TYR B 298 -33.50 -1.31 -2.87
N GLY B 299 -32.42 -1.03 -2.15
CA GLY B 299 -32.52 -0.82 -0.70
C GLY B 299 -33.04 -2.08 -0.02
N SER C 1 1.94 -0.03 0.51
CA SER C 1 1.72 0.13 -0.97
C SER C 1 0.24 -0.06 -1.29
N GLY C 2 -0.09 0.09 -2.57
CA GLY C 2 -1.45 -0.14 -3.03
C GLY C 2 -2.12 1.14 -3.44
N LEU C 3 -3.17 0.99 -4.24
CA LEU C 3 -3.98 2.09 -4.71
C LEU C 3 -5.43 1.65 -4.65
N LYS C 4 -6.21 2.37 -3.86
CA LYS C 4 -7.59 2.02 -3.67
C LYS C 4 -8.29 3.34 -3.79
N LYS C 5 -9.46 3.38 -4.44
CA LYS C 5 -10.19 4.65 -4.62
C LYS C 5 -10.93 4.82 -3.34
N MET C 6 -10.49 5.75 -2.53
CA MET C 6 -11.08 5.88 -1.21
C MET C 6 -11.81 7.23 -0.99
N ALA C 7 -12.70 7.22 0.00
CA ALA C 7 -13.42 8.40 0.41
C ALA C 7 -12.71 8.94 1.62
N GLN C 8 -12.88 10.22 1.87
CA GLN C 8 -12.30 10.81 3.06
C GLN C 8 -13.35 10.55 4.09
N PRO C 9 -12.94 10.44 5.34
CA PRO C 9 -13.85 10.07 6.38
C PRO C 9 -15.10 10.92 6.42
N SER C 10 -16.25 10.25 6.56
CA SER C 10 -17.56 10.90 6.43
C SER C 10 -18.22 11.38 7.72
N GLY C 11 -17.59 11.20 8.87
CA GLY C 11 -18.14 11.64 10.16
C GLY C 11 -18.61 13.08 10.32
N CYS C 12 -17.74 14.08 10.05
CA CYS C 12 -18.10 15.48 10.23
C CYS C 12 -19.27 15.91 9.34
N VAL C 13 -19.42 15.28 8.19
CA VAL C 13 -20.53 15.51 7.27
C VAL C 13 -21.74 14.75 7.74
N GLU C 14 -21.55 13.53 8.19
CA GLU C 14 -22.68 12.70 8.66
C GLU C 14 -23.62 13.48 9.57
N ARG C 15 -23.02 14.19 10.51
CA ARG C 15 -23.75 15.00 11.48
C ARG C 15 -24.50 16.19 10.88
N CYS C 16 -24.18 16.60 9.64
CA CYS C 16 -24.89 17.67 8.92
C CYS C 16 -26.09 17.20 8.08
N VAL C 17 -26.39 15.92 8.10
CA VAL C 17 -27.46 15.40 7.22
C VAL C 17 -28.82 15.39 7.90
N VAL C 18 -29.86 15.70 7.14
CA VAL C 18 -31.21 15.77 7.65
C VAL C 18 -32.23 15.33 6.60
N ARG C 19 -33.33 14.77 7.08
CA ARG C 19 -34.48 14.38 6.25
C ARG C 19 -35.34 15.61 6.04
N VAL C 20 -35.71 15.86 4.78
CA VAL C 20 -36.49 17.04 4.39
C VAL C 20 -37.70 16.54 3.67
N CYS C 21 -38.86 16.66 4.30
CA CYS C 21 -40.11 16.29 3.67
C CYS C 21 -40.82 17.56 3.23
N TYR C 22 -41.51 17.52 2.08
CA TYR C 22 -42.46 18.54 1.68
C TYR C 22 -43.68 17.89 1.05
N GLY C 23 -44.77 17.85 1.80
CA GLY C 23 -45.91 17.02 1.45
C GLY C 23 -45.48 15.61 1.72
N SER C 24 -45.71 14.73 0.75
CA SER C 24 -45.28 13.34 0.86
C SER C 24 -43.85 13.12 0.34
N THR C 25 -43.30 14.07 -0.45
CA THR C 25 -41.94 13.95 -1.02
C THR C 25 -40.82 14.05 0.00
N VAL C 26 -39.91 13.08 -0.02
CA VAL C 26 -38.76 13.03 0.92
C VAL C 26 -37.39 13.02 0.22
N LEU C 27 -36.47 13.79 0.81
CA LEU C 27 -35.11 13.79 0.40
C LEU C 27 -34.20 14.35 1.48
N ASN C 28 -32.98 14.70 1.16
CA ASN C 28 -31.95 14.97 2.18
C ASN C 28 -31.58 16.43 2.16
N GLY C 29 -31.20 16.93 3.33
CA GLY C 29 -30.74 18.29 3.42
C GLY C 29 -29.39 18.34 4.08
N VAL C 30 -28.64 19.38 3.77
CA VAL C 30 -27.41 19.62 4.48
C VAL C 30 -27.66 20.78 5.41
N TRP C 31 -27.56 20.48 6.69
CA TRP C 31 -27.76 21.42 7.76
C TRP C 31 -26.44 22.01 8.25
N LEU C 32 -26.19 23.28 7.88
CA LEU C 32 -25.05 24.05 8.37
C LEU C 32 -25.59 25.31 9.08
N GLY C 33 -25.00 25.66 10.25
CA GLY C 33 -25.52 26.71 11.11
C GLY C 33 -27.03 26.52 11.21
N ASP C 34 -27.80 27.55 10.90
CA ASP C 34 -29.26 27.46 10.98
C ASP C 34 -29.91 27.33 9.63
N THR C 35 -29.17 26.78 8.66
CA THR C 35 -29.72 26.59 7.30
C THR C 35 -29.59 25.17 6.80
N VAL C 36 -30.71 24.60 6.41
CA VAL C 36 -30.76 23.36 5.71
C VAL C 36 -30.80 23.66 4.23
N THR C 37 -29.67 23.46 3.56
CA THR C 37 -29.70 23.50 2.09
C THR C 37 -30.17 22.17 1.55
N CYS C 38 -31.00 22.20 0.51
CA CYS C 38 -31.59 20.97 -0.06
C CYS C 38 -32.03 21.23 -1.52
N PRO C 39 -32.14 20.18 -2.33
CA PRO C 39 -32.55 20.41 -3.72
C PRO C 39 -33.97 20.94 -3.77
N ARG C 40 -34.25 21.81 -4.73
CA ARG C 40 -35.52 22.54 -4.74
C ARG C 40 -36.66 21.73 -5.21
N HIS C 41 -36.43 20.65 -5.95
CA HIS C 41 -37.55 19.87 -6.46
C HIS C 41 -38.27 19.06 -5.40
N VAL C 42 -37.88 19.20 -4.13
CA VAL C 42 -38.68 18.66 -3.02
C VAL C 42 -40.09 19.26 -2.99
N ILE C 43 -40.24 20.53 -3.44
CA ILE C 43 -41.54 21.21 -3.58
C ILE C 43 -42.17 21.07 -4.96
N ALA C 44 -41.55 20.31 -5.84
CA ALA C 44 -42.11 20.15 -7.18
C ALA C 44 -43.43 19.39 -7.06
N PRO C 45 -44.45 19.79 -7.81
CA PRO C 45 -45.71 19.07 -7.74
C PRO C 45 -45.70 17.63 -8.24
N SER C 46 -45.09 17.38 -9.37
CA SER C 46 -45.09 16.02 -9.90
C SER C 46 -43.86 15.77 -10.76
N THR C 47 -43.44 14.51 -10.82
CA THR C 47 -42.30 14.12 -11.63
C THR C 47 -42.48 14.27 -13.13
N THR C 48 -43.69 14.01 -13.60
CA THR C 48 -44.05 13.97 -15.03
C THR C 48 -43.97 15.14 -16.05
N VAL C 49 -44.33 16.37 -15.70
CA VAL C 49 -44.37 17.47 -16.69
C VAL C 49 -43.52 18.67 -16.36
N LEU C 50 -43.22 19.55 -17.31
CA LEU C 50 -42.31 20.61 -16.87
C LEU C 50 -42.80 21.33 -15.61
N ILE C 51 -41.87 21.74 -14.76
CA ILE C 51 -42.18 22.35 -13.48
C ILE C 51 -41.94 23.84 -13.55
N ASP C 52 -42.98 24.61 -13.21
CA ASP C 52 -42.87 26.03 -12.99
C ASP C 52 -42.39 26.26 -11.54
N TYR C 53 -41.09 26.50 -11.38
CA TYR C 53 -40.50 26.61 -10.04
C TYR C 53 -40.89 27.90 -9.35
N ASP C 54 -40.70 29.03 -10.05
CA ASP C 54 -41.38 30.31 -9.75
C ASP C 54 -42.81 30.17 -9.09
N HIS C 55 -43.75 29.48 -9.76
CA HIS C 55 -45.06 29.20 -9.20
C HIS C 55 -44.96 28.34 -7.93
N ALA C 56 -44.19 27.26 -7.97
CA ALA C 56 -44.21 26.26 -6.89
C ALA C 56 -43.65 26.83 -5.60
N TYR C 57 -42.66 27.70 -5.75
CA TYR C 57 -42.06 28.46 -4.68
C TYR C 57 -43.05 29.50 -4.11
N SER C 58 -43.72 30.22 -5.00
CA SER C 58 -44.70 31.23 -4.63
C SER C 58 -45.84 30.61 -3.89
N THR C 59 -46.28 29.44 -4.34
CA THR C 59 -47.38 28.71 -3.70
C THR C 59 -46.94 27.68 -2.62
N MET C 60 -45.68 27.74 -2.23
CA MET C 60 -45.20 26.81 -1.25
C MET C 60 -45.64 27.32 0.13
N ARG C 61 -46.18 26.42 0.94
CA ARG C 61 -46.51 26.76 2.34
C ARG C 61 -45.64 26.01 3.36
N LEU C 62 -45.02 26.80 4.24
CA LEU C 62 -44.11 26.29 5.25
C LEU C 62 -44.70 25.18 6.10
N HIS C 63 -46.01 25.20 6.35
CA HIS C 63 -46.66 24.13 7.13
C HIS C 63 -46.49 22.71 6.55
N ASN C 64 -46.27 22.55 5.24
CA ASN C 64 -46.05 21.20 4.67
C ASN C 64 -44.59 20.68 4.74
N PHE C 65 -43.64 21.56 5.07
CA PHE C 65 -42.28 21.09 5.32
C PHE C 65 -42.24 20.35 6.62
N SER C 66 -41.45 19.29 6.62
CA SER C 66 -41.07 18.60 7.85
C SER C 66 -39.55 18.29 7.76
N VAL C 67 -38.75 18.86 8.67
CA VAL C 67 -37.29 18.77 8.63
C VAL C 67 -36.78 18.15 9.92
N SER C 68 -36.48 16.85 9.88
CA SER C 68 -36.07 16.08 11.07
C SER C 68 -34.60 15.76 11.05
N HIS C 69 -34.10 15.13 12.09
CA HIS C 69 -32.69 14.75 12.15
C HIS C 69 -32.47 13.70 13.25
N ASN C 70 -32.45 12.43 12.84
CA ASN C 70 -32.55 11.28 13.75
C ASN C 70 -33.84 11.35 14.58
N GLY C 71 -34.95 11.74 13.94
CA GLY C 71 -36.27 11.76 14.59
C GLY C 71 -36.56 13.04 15.35
N VAL C 72 -35.50 13.70 15.84
CA VAL C 72 -35.56 15.04 16.42
C VAL C 72 -36.05 16.02 15.36
N PHE C 73 -36.94 16.93 15.75
CA PHE C 73 -37.48 17.91 14.81
C PHE C 73 -36.79 19.24 14.82
N LEU C 74 -36.60 19.76 13.61
CA LEU C 74 -36.23 21.13 13.40
C LEU C 74 -37.48 21.92 12.97
N GLY C 75 -37.58 23.15 13.47
CA GLY C 75 -38.63 24.08 13.07
C GLY C 75 -38.20 24.97 11.92
N VAL C 76 -39.01 24.95 10.86
CA VAL C 76 -38.80 25.78 9.68
C VAL C 76 -39.27 27.21 10.00
N VAL C 77 -38.40 28.18 9.77
CA VAL C 77 -38.72 29.57 9.96
C VAL C 77 -39.09 30.19 8.62
N GLY C 78 -38.24 29.96 7.62
CA GLY C 78 -38.51 30.42 6.26
C GLY C 78 -37.64 29.72 5.23
N VAL C 79 -37.88 30.06 3.97
CA VAL C 79 -37.31 29.34 2.84
C VAL C 79 -37.07 30.28 1.67
N THR C 80 -35.80 30.51 1.37
CA THR C 80 -35.42 31.12 0.10
C THR C 80 -35.11 30.07 -0.98
N MET C 81 -35.04 30.49 -2.23
CA MET C 81 -34.75 29.63 -3.36
C MET C 81 -33.66 30.27 -4.17
N HIS C 82 -32.58 29.51 -4.39
CA HIS C 82 -31.41 29.98 -5.14
C HIS C 82 -31.09 28.89 -6.12
N GLY C 83 -31.15 29.22 -7.42
CA GLY C 83 -31.04 28.23 -8.49
C GLY C 83 -31.83 26.98 -8.16
N SER C 84 -31.17 25.82 -8.19
CA SER C 84 -31.81 24.51 -8.01
C SER C 84 -31.91 24.06 -6.54
N VAL C 85 -31.56 24.93 -5.61
CA VAL C 85 -31.69 24.61 -4.19
C VAL C 85 -32.60 25.57 -3.43
N LEU C 86 -33.09 25.07 -2.30
CA LEU C 86 -33.77 25.83 -1.28
C LEU C 86 -32.87 26.02 -0.11
N ARG C 87 -32.85 27.21 0.44
CA ARG C 87 -32.25 27.43 1.74
C ARG C 87 -33.39 27.57 2.75
N ILE C 88 -33.57 26.51 3.53
CA ILE C 88 -34.59 26.39 4.55
C ILE C 88 -33.98 26.90 5.83
N LYS C 89 -34.38 28.09 6.25
CA LYS C 89 -33.95 28.65 7.53
C LYS C 89 -34.64 27.92 8.65
N VAL C 90 -33.93 27.58 9.72
CA VAL C 90 -34.50 26.76 10.84
C VAL C 90 -34.18 27.27 12.25
N SER C 91 -34.96 26.81 13.23
CA SER C 91 -34.90 27.38 14.60
C SER C 91 -33.57 27.08 15.31
N GLN C 92 -33.10 25.82 15.29
CA GLN C 92 -31.79 25.48 15.95
C GLN C 92 -30.59 25.58 15.01
N SER C 93 -29.49 26.08 15.52
CA SER C 93 -28.24 26.01 14.82
C SER C 93 -27.68 24.59 15.03
N ASN C 94 -27.27 23.92 13.95
CA ASN C 94 -26.55 22.64 14.02
C ASN C 94 -25.27 22.85 14.82
N VAL C 95 -25.23 22.27 16.01
CA VAL C 95 -24.09 22.43 16.91
C VAL C 95 -22.83 21.77 16.32
N HIS C 96 -23.03 20.64 15.62
CA HIS C 96 -21.92 19.88 15.02
C HIS C 96 -21.50 20.39 13.61
N THR C 97 -21.95 21.58 13.19
CA THR C 97 -21.48 22.23 11.96
C THR C 97 -19.97 22.28 11.96
N PRO C 98 -19.31 21.75 10.92
CA PRO C 98 -17.85 21.81 10.89
C PRO C 98 -17.37 23.08 10.23
N LYS C 99 -16.17 23.51 10.55
CA LYS C 99 -15.51 24.59 9.82
C LYS C 99 -15.62 24.25 8.35
N HIS C 100 -16.26 25.11 7.57
CA HIS C 100 -16.58 24.81 6.17
C HIS C 100 -16.58 26.00 5.24
N VAL C 101 -16.58 25.68 3.97
CA VAL C 101 -16.71 26.64 2.94
C VAL C 101 -17.40 25.92 1.78
N PHE C 102 -18.01 26.68 0.90
CA PHE C 102 -18.61 26.16 -0.31
C PHE C 102 -17.65 26.37 -1.45
N LYS C 103 -17.41 25.33 -2.24
CA LYS C 103 -16.47 25.39 -3.33
C LYS C 103 -17.16 24.79 -4.53
N THR C 104 -16.88 25.31 -5.72
CA THR C 104 -17.45 24.73 -6.98
C THR C 104 -16.42 23.89 -7.74
N LEU C 105 -16.78 22.65 -8.04
CA LEU C 105 -15.88 21.70 -8.71
C LEU C 105 -15.64 22.01 -10.17
N LYS C 106 -14.41 21.80 -10.63
CA LYS C 106 -14.06 21.85 -12.06
C LYS C 106 -13.94 20.44 -12.56
N PRO C 107 -14.21 20.18 -13.83
CA PRO C 107 -14.04 18.79 -14.26
C PRO C 107 -12.58 18.30 -14.07
N GLY C 108 -12.38 17.06 -13.67
CA GLY C 108 -11.05 16.58 -13.25
C GLY C 108 -10.87 16.49 -11.73
N ASP C 109 -11.51 17.43 -11.01
CA ASP C 109 -11.54 17.44 -9.54
C ASP C 109 -12.18 16.22 -8.99
N SER C 110 -11.64 15.77 -7.86
CA SER C 110 -12.18 14.56 -7.21
C SER C 110 -12.76 14.98 -5.88
N PHE C 111 -13.85 14.31 -5.53
CA PHE C 111 -14.54 14.59 -4.30
C PHE C 111 -15.20 13.31 -3.70
N ASN C 112 -15.87 13.50 -2.56
CA ASN C 112 -16.49 12.43 -1.79
C ASN C 112 -18.00 12.59 -1.81
N ILE C 113 -18.75 11.58 -2.22
CA ILE C 113 -20.19 11.58 -2.13
C ILE C 113 -20.62 10.80 -0.88
N LEU C 114 -21.46 11.40 -0.02
CA LEU C 114 -22.12 10.68 1.08
C LEU C 114 -23.53 10.35 0.62
N ALA C 115 -23.79 9.10 0.31
CA ALA C 115 -25.09 8.74 -0.25
C ALA C 115 -26.10 8.56 0.88
N CYS C 116 -27.08 9.47 0.94
CA CYS C 116 -28.03 9.52 2.04
C CYS C 116 -29.41 9.17 1.58
N TYR C 117 -30.20 8.59 2.48
CA TYR C 117 -31.64 8.35 2.27
C TYR C 117 -32.38 8.66 3.59
N GLU C 118 -33.55 9.30 3.49
CA GLU C 118 -34.33 9.72 4.65
C GLU C 118 -33.45 10.49 5.70
N GLY C 119 -32.48 11.27 5.21
CA GLY C 119 -31.61 12.04 6.08
C GLY C 119 -30.63 11.22 6.87
N ILE C 120 -30.39 9.99 6.42
CA ILE C 120 -29.47 9.02 7.06
C ILE C 120 -28.42 8.55 6.07
N ALA C 121 -27.15 8.79 6.41
CA ALA C 121 -26.00 8.36 5.57
C ALA C 121 -25.96 6.83 5.45
N SER C 122 -25.92 6.32 4.22
CA SER C 122 -25.88 4.86 4.02
C SER C 122 -24.57 4.32 3.39
N GLY C 123 -23.98 5.11 2.49
CA GLY C 123 -22.67 4.84 1.92
C GLY C 123 -21.85 6.08 1.61
N VAL C 124 -20.56 5.87 1.39
CA VAL C 124 -19.66 6.93 1.05
C VAL C 124 -18.63 6.42 0.04
N PHE C 125 -18.33 7.26 -0.93
CA PHE C 125 -17.46 6.88 -2.01
C PHE C 125 -16.77 8.02 -2.72
N GLY C 126 -15.63 7.73 -3.32
CA GLY C 126 -14.87 8.75 -4.02
C GLY C 126 -15.32 8.76 -5.44
N VAL C 127 -15.20 9.93 -6.06
CA VAL C 127 -15.68 10.09 -7.41
C VAL C 127 -15.03 11.33 -7.99
N ASN C 128 -14.92 11.34 -9.32
CA ASN C 128 -14.38 12.48 -10.08
C ASN C 128 -15.52 13.14 -10.85
N LEU C 129 -15.45 14.45 -10.95
CA LEU C 129 -16.33 15.23 -11.81
C LEU C 129 -15.75 15.14 -13.22
N ARG C 130 -16.50 14.52 -14.11
CA ARG C 130 -16.05 14.22 -15.44
C ARG C 130 -16.16 15.45 -16.31
N THR C 131 -15.56 15.37 -17.51
CA THR C 131 -15.53 16.49 -18.47
C THR C 131 -16.92 16.95 -18.87
N ASN C 132 -17.88 16.01 -18.90
CA ASN C 132 -19.24 16.28 -19.30
C ASN C 132 -20.14 16.71 -18.13
N PHE C 133 -19.50 17.04 -17.02
CA PHE C 133 -20.12 17.57 -15.79
C PHE C 133 -21.05 16.63 -15.08
N THR C 134 -20.87 15.32 -15.30
CA THR C 134 -21.65 14.31 -14.61
C THR C 134 -20.73 13.57 -13.67
N ILE C 135 -21.25 12.57 -12.97
CA ILE C 135 -20.44 11.65 -12.20
C ILE C 135 -21.07 10.31 -12.32
N LYS C 136 -20.27 9.25 -12.20
CA LYS C 136 -20.81 7.89 -12.11
C LYS C 136 -20.93 7.52 -10.65
N GLY C 137 -22.16 7.49 -10.14
CA GLY C 137 -22.42 7.25 -8.73
C GLY C 137 -23.31 6.03 -8.60
N SER C 138 -23.77 5.73 -7.38
CA SER C 138 -24.86 4.81 -7.21
C SER C 138 -25.88 5.47 -6.30
N PHE C 139 -26.97 5.89 -6.93
CA PHE C 139 -28.09 6.49 -6.25
C PHE C 139 -29.41 5.89 -6.74
N ILE C 140 -30.28 5.56 -5.79
CA ILE C 140 -31.66 5.17 -6.11
C ILE C 140 -32.62 6.27 -5.62
N ASN C 141 -33.92 6.05 -5.77
CA ASN C 141 -34.95 6.94 -5.21
C ASN C 141 -34.70 7.35 -3.77
N GLY C 142 -34.59 8.66 -3.54
CA GLY C 142 -34.47 9.22 -2.20
C GLY C 142 -33.10 9.75 -1.84
N ALA C 143 -32.16 9.62 -2.79
CA ALA C 143 -30.77 10.03 -2.62
C ALA C 143 -30.48 11.50 -2.96
N CYS C 144 -31.48 12.25 -3.45
CA CYS C 144 -31.25 13.65 -3.78
C CYS C 144 -31.04 14.34 -2.47
N GLY C 145 -30.17 15.34 -2.50
CA GLY C 145 -29.74 15.96 -1.30
C GLY C 145 -28.43 15.41 -0.77
N SER C 146 -28.03 14.21 -1.23
CA SER C 146 -26.78 13.60 -0.80
C SER C 146 -25.66 14.62 -1.08
N PRO C 147 -24.87 14.98 -0.05
CA PRO C 147 -23.82 15.94 -0.28
C PRO C 147 -22.53 15.29 -0.79
N GLY C 148 -21.84 16.03 -1.64
CA GLY C 148 -20.45 15.77 -1.95
C GLY C 148 -19.56 16.81 -1.30
N TYR C 149 -18.34 16.44 -1.03
CA TYR C 149 -17.46 17.24 -0.20
C TYR C 149 -15.99 16.83 -0.32
N ASN C 150 -15.09 17.73 0.05
CA ASN C 150 -13.69 17.41 0.32
C ASN C 150 -13.38 17.95 1.67
N VAL C 151 -12.34 17.40 2.28
CA VAL C 151 -11.87 17.85 3.57
C VAL C 151 -10.40 18.20 3.43
N ARG C 152 -10.08 19.48 3.60
CA ARG C 152 -8.72 19.95 3.48
C ARG C 152 -7.95 19.57 4.75
N ASN C 153 -6.64 19.78 4.74
CA ASN C 153 -5.76 19.40 5.87
C ASN C 153 -6.13 20.07 7.19
N ASP C 154 -6.50 21.35 7.12
CA ASP C 154 -6.98 22.06 8.31
C ASP C 154 -8.33 21.55 8.85
N GLY C 155 -8.86 20.44 8.32
CA GLY C 155 -10.14 19.90 8.77
C GLY C 155 -11.33 20.65 8.18
N THR C 156 -11.07 21.51 7.19
CA THR C 156 -12.12 22.33 6.60
C THR C 156 -12.85 21.51 5.54
N VAL C 157 -14.16 21.47 5.66
CA VAL C 157 -14.98 20.75 4.72
C VAL C 157 -15.33 21.72 3.61
N GLU C 158 -14.99 21.36 2.38
CA GLU C 158 -15.49 22.05 1.22
C GLU C 158 -16.75 21.33 0.78
N PHE C 159 -17.91 21.99 0.84
CA PHE C 159 -19.14 21.35 0.44
C PHE C 159 -19.35 21.78 -0.97
N CYS C 160 -19.49 20.84 -1.88
CA CYS C 160 -19.37 21.19 -3.28
C CYS C 160 -20.30 20.47 -4.23
N TYR C 161 -21.22 19.67 -3.69
CA TYR C 161 -22.15 18.93 -4.54
C TYR C 161 -23.41 18.60 -3.73
N LEU C 162 -24.55 18.69 -4.40
CA LEU C 162 -25.81 18.23 -3.87
C LEU C 162 -26.45 17.39 -4.95
N HIS C 163 -26.75 16.15 -4.63
CA HIS C 163 -27.27 15.29 -5.64
C HIS C 163 -28.67 15.74 -6.12
N GLN C 164 -28.85 15.81 -7.43
CA GLN C 164 -30.05 16.36 -8.02
C GLN C 164 -30.79 15.35 -8.93
N ILE C 165 -30.17 14.90 -10.00
CA ILE C 165 -30.87 14.09 -11.01
C ILE C 165 -30.00 12.99 -11.62
N GLU C 166 -30.68 12.00 -12.17
CA GLU C 166 -30.04 10.99 -12.99
C GLU C 166 -30.50 11.21 -14.42
N LEU C 167 -29.56 11.34 -15.34
CA LEU C 167 -29.87 11.42 -16.77
C LEU C 167 -30.31 10.06 -17.33
N GLY C 168 -30.71 10.04 -18.59
CA GLY C 168 -31.24 8.81 -19.20
C GLY C 168 -30.18 7.73 -19.16
N SER C 169 -28.96 8.12 -19.54
CA SER C 169 -27.75 7.26 -19.52
C SER C 169 -27.33 6.61 -18.19
N GLY C 170 -27.89 7.04 -17.05
CA GLY C 170 -27.47 6.58 -15.73
C GLY C 170 -26.49 7.56 -15.09
N ALA C 171 -25.92 8.50 -15.87
CA ALA C 171 -25.05 9.52 -15.29
C ALA C 171 -25.79 10.39 -14.25
N HIS C 172 -25.06 10.89 -13.27
CA HIS C 172 -25.62 11.63 -12.16
C HIS C 172 -25.17 13.08 -12.18
N VAL C 173 -26.15 13.97 -11.93
CA VAL C 173 -25.93 15.43 -11.86
C VAL C 173 -26.36 15.96 -10.51
N GLY C 174 -25.64 16.97 -10.08
CA GLY C 174 -25.94 17.69 -8.87
C GLY C 174 -25.63 19.15 -9.04
N SER C 175 -25.89 19.92 -8.00
CA SER C 175 -25.58 21.36 -8.03
C SER C 175 -24.49 21.56 -7.05
N ASP C 176 -23.85 22.72 -7.11
CA ASP C 176 -23.11 23.20 -5.95
C ASP C 176 -24.11 23.77 -4.93
N PHE C 177 -23.58 24.31 -3.84
CA PHE C 177 -24.43 24.84 -2.78
C PHE C 177 -25.04 26.22 -3.06
N THR C 178 -24.58 26.90 -4.10
CA THR C 178 -25.27 28.12 -4.57
C THR C 178 -26.44 27.84 -5.49
N GLY C 179 -26.59 26.59 -5.91
CA GLY C 179 -27.73 26.22 -6.69
C GLY C 179 -27.39 26.04 -8.15
N SER C 180 -26.19 26.49 -8.58
CA SER C 180 -25.77 26.25 -9.95
C SER C 180 -25.62 24.73 -10.19
N VAL C 181 -26.42 24.22 -11.13
CA VAL C 181 -26.31 22.84 -11.53
C VAL C 181 -24.98 22.67 -12.25
N TYR C 182 -24.30 21.56 -12.00
CA TYR C 182 -23.03 21.33 -12.64
C TYR C 182 -23.32 21.18 -14.13
N GLY C 183 -22.55 21.90 -14.94
CA GLY C 183 -22.64 21.78 -16.38
C GLY C 183 -23.90 22.34 -16.98
N ASN C 184 -24.61 23.16 -16.22
CA ASN C 184 -25.80 23.81 -16.71
C ASN C 184 -26.90 22.82 -17.22
N PHE C 185 -27.02 21.66 -16.61
CA PHE C 185 -28.18 20.83 -16.83
C PHE C 185 -29.30 21.50 -16.08
N ASP C 186 -30.52 21.03 -16.32
CA ASP C 186 -31.71 21.55 -15.68
C ASP C 186 -32.23 20.54 -14.69
N ASP C 187 -32.78 21.02 -13.57
CA ASP C 187 -33.47 20.15 -12.61
C ASP C 187 -34.92 20.03 -12.98
N GLN C 188 -35.15 19.68 -14.24
CA GLN C 188 -36.47 19.43 -14.76
C GLN C 188 -36.41 17.97 -15.19
N PRO C 189 -37.56 17.35 -15.40
CA PRO C 189 -37.58 16.02 -15.96
C PRO C 189 -37.73 16.18 -17.49
N SER C 190 -36.71 16.77 -18.12
CA SER C 190 -36.73 17.01 -19.54
C SER C 190 -35.76 16.01 -20.10
N LEU C 191 -35.67 15.99 -21.42
CA LEU C 191 -34.80 15.06 -22.12
C LEU C 191 -33.46 15.77 -22.28
N GLN C 192 -32.48 15.39 -21.49
CA GLN C 192 -31.15 16.02 -21.56
C GLN C 192 -30.14 14.93 -21.64
N VAL C 193 -29.17 15.18 -22.51
CA VAL C 193 -28.11 14.23 -22.78
C VAL C 193 -26.80 14.98 -22.60
N GLU C 194 -25.89 14.26 -21.95
CA GLU C 194 -24.60 14.78 -21.52
C GLU C 194 -23.67 14.76 -22.70
N SER C 195 -22.71 15.69 -22.79
CA SER C 195 -21.69 15.59 -23.85
C SER C 195 -20.80 14.38 -23.56
N ALA C 196 -20.00 14.01 -24.55
CA ALA C 196 -19.15 12.80 -24.53
C ALA C 196 -18.15 12.88 -23.38
N ASN C 197 -18.05 11.78 -22.65
CA ASN C 197 -17.17 11.72 -21.50
C ASN C 197 -15.76 11.44 -21.98
N LEU C 198 -14.85 12.36 -21.71
CA LEU C 198 -13.44 12.14 -21.97
C LEU C 198 -12.76 11.41 -20.83
N MET C 199 -11.71 10.68 -21.20
CA MET C 199 -10.77 10.07 -20.30
C MET C 199 -9.84 11.21 -19.76
N LEU C 200 -9.68 11.26 -18.44
CA LEU C 200 -8.94 12.35 -17.78
C LEU C 200 -7.45 12.09 -17.81
N SER C 201 -6.80 12.62 -18.83
CA SER C 201 -5.44 12.20 -19.15
C SER C 201 -4.48 12.38 -17.99
N ASP C 202 -4.55 13.54 -17.34
CA ASP C 202 -3.77 13.77 -16.11
C ASP C 202 -3.88 12.61 -15.11
N ASN C 203 -5.10 12.11 -14.93
CA ASN C 203 -5.35 11.04 -13.97
C ASN C 203 -4.72 9.75 -14.40
N VAL C 204 -4.82 9.47 -15.69
CA VAL C 204 -4.15 8.30 -16.28
C VAL C 204 -2.62 8.36 -16.11
N VAL C 205 -2.03 9.54 -16.35
CA VAL C 205 -0.60 9.72 -16.09
C VAL C 205 -0.23 9.44 -14.65
N ALA C 206 -0.94 10.05 -13.70
CA ALA C 206 -0.74 9.78 -12.27
C ALA C 206 -0.88 8.29 -11.92
N PHE C 207 -1.85 7.64 -12.54
CA PHE C 207 -2.06 6.21 -12.35
C PHE C 207 -0.85 5.40 -12.82
N LEU C 208 -0.25 5.79 -13.94
CA LEU C 208 0.85 4.98 -14.51
C LEU C 208 2.08 5.14 -13.68
N TYR C 209 2.30 6.36 -13.15
CA TYR C 209 3.38 6.60 -12.19
C TYR C 209 3.24 5.75 -10.95
N ALA C 210 2.01 5.62 -10.48
CA ALA C 210 1.73 4.79 -9.30
C ALA C 210 2.06 3.36 -9.65
N ALA C 211 1.66 2.93 -10.84
CA ALA C 211 1.81 1.56 -11.26
C ALA C 211 3.28 1.23 -11.29
N LEU C 212 4.11 2.17 -11.77
CA LEU C 212 5.58 2.06 -11.73
C LEU C 212 6.08 1.91 -10.30
N LEU C 213 5.79 2.91 -9.48
CA LEU C 213 6.20 2.89 -8.08
C LEU C 213 5.67 1.71 -7.27
N ASN C 214 4.68 0.99 -7.78
CA ASN C 214 4.21 -0.26 -7.18
C ASN C 214 4.79 -1.46 -7.93
N GLY C 215 5.95 -1.29 -8.54
CA GLY C 215 6.56 -2.29 -9.41
C GLY C 215 5.72 -2.92 -10.51
N CYS C 216 4.85 -2.16 -11.15
CA CYS C 216 4.11 -2.65 -12.31
C CYS C 216 4.59 -1.86 -13.53
N ARG C 217 5.42 -2.52 -14.34
CA ARG C 217 6.19 -1.84 -15.39
C ARG C 217 6.17 -2.51 -16.78
N TRP C 218 5.46 -3.65 -16.93
CA TRP C 218 5.37 -4.38 -18.21
C TRP C 218 4.90 -3.51 -19.40
N TRP C 219 3.94 -2.65 -19.12
CA TRP C 219 3.28 -1.74 -20.08
C TRP C 219 4.16 -0.54 -20.51
N LEU C 220 5.35 -0.36 -19.96
CA LEU C 220 6.16 0.86 -20.21
C LEU C 220 6.84 0.82 -21.58
N CYS C 221 6.64 1.89 -22.34
CA CYS C 221 7.18 2.02 -23.68
C CYS C 221 8.47 2.86 -23.67
N SER C 222 9.37 2.57 -24.62
CA SER C 222 10.61 3.36 -24.78
C SER C 222 10.42 4.58 -25.70
N THR C 223 9.25 4.69 -26.33
CA THR C 223 8.83 5.89 -27.02
C THR C 223 8.61 7.10 -26.05
N ARG C 224 9.02 8.30 -26.47
CA ARG C 224 8.61 9.58 -25.85
C ARG C 224 7.64 10.23 -26.83
N VAL C 225 6.75 11.07 -26.30
CA VAL C 225 5.88 11.99 -27.07
C VAL C 225 5.80 13.27 -26.25
N ASN C 226 5.90 14.42 -26.90
CA ASN C 226 5.79 15.71 -26.18
C ASN C 226 4.29 16.07 -25.99
N VAL C 227 4.05 17.07 -25.13
CA VAL C 227 2.70 17.43 -24.67
C VAL C 227 1.76 17.74 -25.85
N ASP C 228 2.26 18.59 -26.75
CA ASP C 228 1.46 19.07 -27.89
C ASP C 228 1.06 17.90 -28.78
N GLY C 229 2.03 17.05 -29.09
CA GLY C 229 1.76 15.80 -29.82
C GLY C 229 0.70 14.92 -29.18
N PHE C 230 0.78 14.77 -27.86
CA PHE C 230 -0.19 13.95 -27.13
C PHE C 230 -1.58 14.57 -27.18
N ASN C 231 -1.64 15.87 -26.86
CA ASN C 231 -2.92 16.60 -26.81
C ASN C 231 -3.69 16.42 -28.12
N GLU C 232 -2.98 16.63 -29.25
CA GLU C 232 -3.51 16.42 -30.61
C GLU C 232 -4.04 14.99 -30.79
N TRP C 233 -3.25 14.02 -30.34
CA TRP C 233 -3.69 12.62 -30.33
C TRP C 233 -4.98 12.41 -29.50
N ALA C 234 -5.05 13.12 -28.36
CA ALA C 234 -6.12 12.92 -27.38
C ALA C 234 -7.51 13.31 -27.89
N MET C 235 -7.61 14.52 -28.48
CA MET C 235 -8.86 15.00 -29.13
C MET C 235 -9.43 13.92 -30.02
N ALA C 236 -8.57 13.40 -30.89
CA ALA C 236 -8.96 12.36 -31.84
C ALA C 236 -9.42 11.05 -31.19
N ASN C 237 -8.96 10.76 -29.96
CA ASN C 237 -9.15 9.45 -29.31
C ASN C 237 -9.92 9.39 -27.99
N GLY C 238 -10.44 10.52 -27.50
CA GLY C 238 -11.39 10.53 -26.36
C GLY C 238 -10.78 10.74 -24.98
N TYR C 239 -9.83 11.67 -24.93
CA TYR C 239 -8.94 11.93 -23.80
C TYR C 239 -8.81 13.42 -23.69
N THR C 240 -8.56 13.89 -22.49
CA THR C 240 -8.34 15.30 -22.28
C THR C 240 -6.94 15.67 -22.69
N SER C 241 -6.72 16.97 -22.74
CA SER C 241 -5.36 17.46 -22.81
C SER C 241 -4.63 17.03 -21.54
N VAL C 242 -3.34 17.33 -21.48
CA VAL C 242 -2.51 17.00 -20.37
C VAL C 242 -1.96 18.34 -19.89
N SER C 243 -1.93 18.51 -18.58
CA SER C 243 -1.44 19.73 -17.97
C SER C 243 0.08 19.81 -18.02
N SER C 244 0.60 20.92 -17.52
CA SER C 244 2.03 21.15 -17.47
C SER C 244 2.76 19.92 -16.91
N VAL C 245 3.84 19.51 -17.57
CA VAL C 245 4.65 18.35 -17.13
C VAL C 245 5.41 18.58 -15.83
N GLU C 246 5.65 19.85 -15.47
CA GLU C 246 6.26 20.16 -14.19
C GLU C 246 5.43 19.63 -12.99
N CYS C 247 4.10 19.56 -13.14
CA CYS C 247 3.19 19.08 -12.06
C CYS C 247 3.63 17.70 -11.51
N TYR C 248 4.22 16.88 -12.37
CA TYR C 248 4.53 15.48 -12.03
C TYR C 248 6.02 15.27 -11.65
N SER C 249 6.76 16.34 -11.38
CA SER C 249 8.21 16.25 -11.19
C SER C 249 8.62 15.36 -10.00
N ILE C 250 7.86 15.40 -8.90
CA ILE C 250 8.14 14.53 -7.74
C ILE C 250 8.12 13.07 -8.24
N LEU C 251 7.09 12.69 -9.00
CA LEU C 251 6.94 11.32 -9.48
C LEU C 251 7.90 10.97 -10.59
N ALA C 252 8.19 11.92 -11.48
CA ALA C 252 9.24 11.70 -12.51
C ALA C 252 10.63 11.43 -11.90
N ALA C 253 11.01 12.22 -10.90
CA ALA C 253 12.23 11.98 -10.12
C ALA C 253 12.24 10.59 -9.46
N LYS C 254 11.27 10.29 -8.60
CA LYS C 254 11.32 9.04 -7.82
C LYS C 254 11.33 7.82 -8.77
N THR C 255 10.74 7.91 -9.96
CA THR C 255 10.71 6.75 -10.90
C THR C 255 11.77 6.77 -11.98
N GLY C 256 12.24 7.97 -12.31
CA GLY C 256 13.16 8.13 -13.42
C GLY C 256 12.49 8.09 -14.78
N VAL C 257 11.18 8.20 -14.83
CA VAL C 257 10.41 8.12 -16.07
C VAL C 257 9.70 9.45 -16.27
N SER C 258 9.82 10.01 -17.47
CA SER C 258 9.23 11.31 -17.79
C SER C 258 7.78 11.19 -18.27
N VAL C 259 6.99 12.22 -17.99
CA VAL C 259 5.59 12.28 -18.45
C VAL C 259 5.51 11.90 -19.91
N GLU C 260 6.42 12.49 -20.66
CA GLU C 260 6.52 12.31 -22.12
C GLU C 260 6.51 10.81 -22.45
N GLN C 261 7.27 10.03 -21.69
CA GLN C 261 7.25 8.55 -21.83
C GLN C 261 5.88 7.89 -21.50
N LEU C 262 5.26 8.35 -20.44
CA LEU C 262 3.99 7.82 -20.02
C LEU C 262 2.95 8.16 -21.09
N LEU C 263 3.04 9.38 -21.60
CA LEU C 263 2.15 9.82 -22.66
C LEU C 263 2.18 8.92 -23.89
N ALA C 264 3.40 8.57 -24.30
CA ALA C 264 3.60 7.56 -25.35
C ALA C 264 2.96 6.22 -24.96
N SER C 265 3.28 5.77 -23.75
CA SER C 265 2.77 4.54 -23.22
C SER C 265 1.23 4.56 -23.19
N ILE C 266 0.62 5.71 -22.84
CA ILE C 266 -0.87 5.81 -22.90
C ILE C 266 -1.42 5.50 -24.31
N GLN C 267 -0.76 6.03 -25.36
CA GLN C 267 -1.21 5.85 -26.74
C GLN C 267 -1.28 4.36 -27.13
N HIS C 268 -0.23 3.61 -26.79
CA HIS C 268 -0.21 2.16 -27.06
C HIS C 268 -1.22 1.43 -26.20
N LEU C 269 -1.37 1.89 -24.96
CA LEU C 269 -2.21 1.18 -24.00
C LEU C 269 -3.69 1.37 -24.25
N HIS C 270 -4.07 2.53 -24.81
CA HIS C 270 -5.42 2.78 -25.31
C HIS C 270 -5.97 1.60 -26.14
N GLU C 271 -5.09 0.92 -26.86
CA GLU C 271 -5.50 -0.17 -27.76
C GLU C 271 -5.84 -1.51 -27.06
N GLY C 272 -5.79 -1.55 -25.71
CA GLY C 272 -6.02 -2.77 -24.92
C GLY C 272 -4.79 -3.34 -24.17
N PHE C 273 -5.08 -4.10 -23.09
CA PHE C 273 -4.03 -4.65 -22.17
C PHE C 273 -3.63 -6.11 -22.44
N GLY C 274 -4.34 -6.81 -23.32
CA GLY C 274 -3.91 -8.13 -23.75
C GLY C 274 -4.12 -9.19 -22.71
N GLY C 275 -5.23 -9.08 -21.98
CA GLY C 275 -5.48 -9.93 -20.84
C GLY C 275 -4.62 -9.63 -19.61
N LYS C 276 -3.56 -8.82 -19.75
CA LYS C 276 -2.70 -8.45 -18.63
C LYS C 276 -3.45 -7.38 -17.86
N ASN C 277 -2.94 -7.04 -16.66
CA ASN C 277 -3.50 -5.98 -15.80
C ASN C 277 -2.43 -4.99 -15.29
N ILE C 278 -2.88 -3.76 -15.01
CA ILE C 278 -2.05 -2.71 -14.38
C ILE C 278 -2.67 -2.41 -13.02
N LEU C 279 -1.99 -2.79 -11.94
CA LEU C 279 -2.54 -2.71 -10.56
C LEU C 279 -3.95 -3.30 -10.42
N GLY C 280 -4.24 -4.39 -11.15
CA GLY C 280 -5.57 -5.02 -11.14
C GLY C 280 -6.60 -4.55 -12.14
N TYR C 281 -6.39 -3.40 -12.80
CA TYR C 281 -7.33 -2.89 -13.83
C TYR C 281 -6.96 -3.48 -15.19
N SER C 282 -7.97 -3.77 -16.00
CA SER C 282 -7.77 -4.38 -17.30
C SER C 282 -7.76 -3.37 -18.48
N SER C 283 -8.17 -2.12 -18.22
CA SER C 283 -7.96 -1.02 -19.15
C SER C 283 -7.39 0.16 -18.39
N LEU C 284 -7.05 1.24 -19.11
CA LEU C 284 -6.46 2.39 -18.45
C LEU C 284 -7.45 2.92 -17.43
N CYS C 285 -6.91 3.47 -16.34
CA CYS C 285 -7.69 3.97 -15.21
C CYS C 285 -7.43 5.45 -15.01
N ASP C 286 -8.49 6.24 -15.04
CA ASP C 286 -8.40 7.68 -14.74
C ASP C 286 -9.14 8.04 -13.45
N GLU C 287 -9.26 7.06 -12.55
CA GLU C 287 -10.01 7.26 -11.29
C GLU C 287 -9.26 8.20 -10.32
N PHE C 288 -7.94 8.29 -10.45
CA PHE C 288 -7.10 8.88 -9.40
C PHE C 288 -6.39 10.12 -9.88
N THR C 289 -6.55 11.21 -9.16
CA THR C 289 -5.78 12.41 -9.40
C THR C 289 -4.33 12.20 -8.97
N LEU C 290 -3.48 13.12 -9.42
CA LEU C 290 -2.09 13.17 -9.02
C LEU C 290 -2.02 13.34 -7.54
N ALA C 291 -2.86 14.21 -6.99
CA ALA C 291 -2.86 14.47 -5.55
C ALA C 291 -3.15 13.20 -4.78
N GLU C 292 -4.14 12.42 -5.24
CA GLU C 292 -4.51 11.13 -4.62
C GLU C 292 -3.33 10.17 -4.62
N VAL C 293 -2.68 10.02 -5.76
CA VAL C 293 -1.55 9.13 -5.88
C VAL C 293 -0.44 9.55 -4.92
N VAL C 294 -0.10 10.83 -4.89
CA VAL C 294 0.96 11.29 -4.02
C VAL C 294 0.59 11.06 -2.54
N LYS C 295 -0.65 11.38 -2.18
CA LYS C 295 -1.13 11.19 -0.79
C LYS C 295 -1.11 9.72 -0.43
N GLN C 296 -1.77 8.88 -1.23
CA GLN C 296 -1.82 7.42 -1.01
C GLN C 296 -0.49 6.67 -0.97
N MET C 297 0.55 7.20 -1.60
CA MET C 297 1.86 6.53 -1.63
C MET C 297 2.89 7.14 -0.70
N TYR C 298 2.77 8.44 -0.41
CA TYR C 298 3.76 9.15 0.38
C TYR C 298 3.20 9.92 1.58
N GLY C 299 1.88 10.03 1.74
CA GLY C 299 1.30 10.95 2.72
C GLY C 299 1.78 12.35 2.43
#